data_6I5N
#
_entry.id   6I5N
#
_cell.length_a   113.177
_cell.length_b   156.763
_cell.length_c   57.571
_cell.angle_alpha   90.00
_cell.angle_beta   90.00
_cell.angle_gamma   90.00
#
_symmetry.space_group_name_H-M   'P 21 21 2'
#
loop_
_entity.id
_entity.type
_entity.pdbx_description
1 polymer 'Suppressor of cytokine signaling 2'
2 polymer Elongin-B
3 polymer Elongin-C
4 polymer 'Growth hormone receptor peptide'
5 non-polymer 'COBALT (II) ION'
6 non-polymer 'SULFATE ION'
7 water water
#
loop_
_entity_poly.entity_id
_entity_poly.type
_entity_poly.pdbx_seq_one_letter_code
_entity_poly.pdbx_strand_id
1 'polypeptide(L)'
;SMQAARLAKALRELGQTGWYWGSMTVNEAKEKLKEAPEGTFLIRDSSHSDYLLTISVKTSAGPTNLRIEYQDGKFRLDSI
I(CAS)VKSALAAFDSVVHLIDYYVQM(CAS)KDKRTGPEAPRNGTVHLYLTKPLYTSAPSLQHLCRLTINK(CAS)TGA
IWGLPLPTRLKDYLEEYKFQV
;
A,D
2 'polypeptide(L)'
;MDVFLMIRRHKTTIFTDAKESSTVFELKRIVEGILKRPPDEQRLYKDDQLLDDGKTLGECGFTSQTARPQAPATVGLAFR
ADDTFEAL(CAS)IEPFSSPPELPDVMK
;
B,E
3 'polypeptide(L)'
;MMYVKLISSDGHEFIVKREHALTSGTIKAMLSGPGQFAENETNEVNFREIPSHVLSKVCMYFTYKVRYTNSSTEIPEFPI
APEIALELLMAANFLDC
;
C,F
4 'polypeptide(L)' PVPD(PTR)TSIHI(VLM) J,K,I,L
#
loop_
_chem_comp.id
_chem_comp.type
_chem_comp.name
_chem_comp.formula
CO non-polymer 'COBALT (II) ION' 'Co 2'
SO4 non-polymer 'SULFATE ION' 'O4 S -2'
#
# COMPACT_ATOMS: atom_id res chain seq x y z
N SER A 1 34.61 18.31 16.59
CA SER A 1 33.91 17.04 16.50
C SER A 1 34.87 15.87 16.65
N MET A 2 34.32 14.68 16.87
CA MET A 2 35.08 13.44 16.85
C MET A 2 34.65 12.59 15.67
N GLN A 3 35.39 11.51 15.42
CA GLN A 3 35.16 10.76 14.20
C GLN A 3 33.78 10.12 14.18
N ALA A 4 33.33 9.59 15.33
CA ALA A 4 32.05 8.89 15.33
C ALA A 4 30.93 9.83 14.92
N ALA A 5 31.01 11.10 15.35
CA ALA A 5 30.00 12.08 14.98
C ALA A 5 30.09 12.44 13.51
N ARG A 6 31.31 12.55 12.96
CA ARG A 6 31.44 12.92 11.56
C ARG A 6 30.96 11.80 10.66
N LEU A 7 31.20 10.56 11.07
CA LEU A 7 30.72 9.41 10.31
C LEU A 7 29.20 9.27 10.44
N ALA A 8 28.67 9.40 11.67
CA ALA A 8 27.20 9.48 11.83
C ALA A 8 26.60 10.51 10.88
N LYS A 9 27.18 11.74 10.87
CA LYS A 9 26.68 12.76 9.93
C LYS A 9 26.71 12.26 8.47
N ALA A 10 27.83 11.66 8.07
CA ALA A 10 27.93 11.25 6.66
C ALA A 10 26.88 10.20 6.32
N LEU A 11 26.60 9.30 7.26
CA LEU A 11 25.63 8.25 6.97
C LEU A 11 24.21 8.80 6.98
N ARG A 12 23.92 9.79 7.83
CA ARG A 12 22.62 10.44 7.79
C ARG A 12 22.42 11.15 6.45
N GLU A 13 23.46 11.84 5.97
CA GLU A 13 23.44 12.43 4.64
C GLU A 13 23.12 11.37 3.59
N LEU A 14 23.82 10.24 3.66
CA LEU A 14 23.59 9.18 2.68
C LEU A 14 22.13 8.74 2.70
N GLY A 15 21.54 8.66 3.90
CA GLY A 15 20.14 8.29 4.01
C GLY A 15 19.19 9.33 3.47
N GLN A 16 19.62 10.59 3.33
CA GLN A 16 18.79 11.61 2.66
C GLN A 16 18.80 11.55 1.13
N THR A 17 19.73 10.83 0.49
CA THR A 17 19.90 11.02 -0.96
C THR A 17 18.71 10.50 -1.74
N GLY A 18 18.10 9.40 -1.28
CA GLY A 18 17.18 8.66 -2.11
C GLY A 18 17.84 7.69 -3.05
N TRP A 19 19.19 7.66 -3.10
CA TRP A 19 19.89 6.74 -3.99
C TRP A 19 20.86 5.83 -3.24
N TYR A 20 20.60 5.62 -1.97
CA TYR A 20 21.28 4.60 -1.19
C TYR A 20 20.34 3.41 -1.13
N TRP A 21 20.77 2.24 -1.65
CA TRP A 21 19.87 1.10 -1.81
C TRP A 21 20.00 0.01 -0.73
N GLY A 22 20.82 0.21 0.30
CA GLY A 22 20.86 -0.79 1.37
C GLY A 22 21.45 -2.09 0.89
N SER A 23 20.84 -3.22 1.28
CA SER A 23 21.36 -4.51 0.85
C SER A 23 20.95 -4.74 -0.60
N MET A 24 21.92 -4.95 -1.46
CA MET A 24 21.64 -5.08 -2.88
C MET A 24 22.83 -5.82 -3.45
N THR A 25 22.57 -6.92 -4.14
CA THR A 25 23.64 -7.74 -4.69
C THR A 25 24.22 -7.12 -5.95
N VAL A 26 25.36 -7.69 -6.37
CA VAL A 26 25.96 -7.32 -7.65
C VAL A 26 24.98 -7.54 -8.79
N ASN A 27 24.32 -8.70 -8.84
CA ASN A 27 23.43 -8.99 -9.95
C ASN A 27 22.23 -8.06 -9.96
N GLU A 28 21.71 -7.69 -8.79
CA GLU A 28 20.57 -6.77 -8.72
C GLU A 28 20.97 -5.38 -9.21
N ALA A 29 22.14 -4.90 -8.78
CA ALA A 29 22.65 -3.63 -9.31
C ALA A 29 22.78 -3.71 -10.82
N LYS A 30 23.32 -4.83 -11.34
CA LYS A 30 23.52 -4.98 -12.77
C LYS A 30 22.19 -4.92 -13.52
N GLU A 31 21.16 -5.62 -13.01
CA GLU A 31 19.85 -5.56 -13.66
C GLU A 31 19.27 -4.15 -13.63
N LYS A 32 19.46 -3.43 -12.52
CA LYS A 32 18.90 -2.08 -12.47
C LYS A 32 19.64 -1.11 -13.37
N LEU A 33 20.93 -1.30 -13.59
CA LEU A 33 21.71 -0.34 -14.36
C LEU A 33 21.91 -0.74 -15.83
N LYS A 34 21.49 -1.95 -16.22
CA LYS A 34 21.68 -2.48 -17.58
C LYS A 34 21.45 -1.48 -18.70
N GLU A 35 20.28 -0.87 -18.72
CA GLU A 35 19.88 0.00 -19.81
C GLU A 35 19.97 1.48 -19.45
N ALA A 36 20.56 1.79 -18.30
CA ALA A 36 20.61 3.16 -17.84
C ALA A 36 21.65 3.95 -18.64
N PRO A 37 21.51 5.27 -18.69
CA PRO A 37 22.55 6.11 -19.30
C PRO A 37 23.91 5.91 -18.65
N GLU A 38 24.97 6.11 -19.45
CA GLU A 38 26.32 6.03 -18.91
C GLU A 38 26.50 7.05 -17.80
N GLY A 39 27.09 6.63 -16.70
CA GLY A 39 27.27 7.51 -15.57
C GLY A 39 26.19 7.42 -14.53
N THR A 40 25.12 6.68 -14.78
CA THR A 40 24.11 6.46 -13.76
C THR A 40 24.69 5.63 -12.62
N PHE A 41 24.42 6.04 -11.38
CA PHE A 41 25.09 5.44 -10.25
C PHE A 41 24.12 5.30 -9.09
N LEU A 42 24.48 4.41 -8.17
CA LEU A 42 23.81 4.32 -6.89
C LEU A 42 24.85 3.86 -5.88
N ILE A 43 24.55 4.02 -4.60
CA ILE A 43 25.37 3.47 -3.53
C ILE A 43 24.56 2.40 -2.82
N ARG A 44 25.24 1.30 -2.47
CA ARG A 44 24.62 0.22 -1.73
C ARG A 44 25.61 -0.30 -0.70
N ASP A 45 25.12 -1.16 0.19
CA ASP A 45 26.01 -1.84 1.12
C ASP A 45 26.95 -2.77 0.37
N SER A 46 28.21 -2.83 0.84
CA SER A 46 29.14 -3.81 0.31
C SER A 46 28.93 -5.14 1.01
N SER A 47 28.93 -6.22 0.24
CA SER A 47 28.89 -7.53 0.86
C SER A 47 30.28 -8.00 1.34
N HIS A 48 31.31 -7.20 1.13
CA HIS A 48 32.68 -7.51 1.55
C HIS A 48 32.87 -7.13 3.02
N SER A 49 33.73 -7.89 3.72
CA SER A 49 33.89 -7.69 5.17
C SER A 49 34.63 -6.42 5.52
N ASP A 50 35.48 -5.92 4.62
CA ASP A 50 36.32 -4.76 4.89
C ASP A 50 35.72 -3.45 4.40
N TYR A 51 34.47 -3.45 3.92
CA TYR A 51 33.92 -2.22 3.37
C TYR A 51 32.47 -2.05 3.78
N LEU A 52 32.10 -0.81 4.14
CA LEU A 52 30.71 -0.48 4.38
C LEU A 52 29.93 -0.37 3.08
N LEU A 53 30.43 0.41 2.13
CA LEU A 53 29.65 0.84 0.98
C LEU A 53 30.38 0.55 -0.33
N THR A 54 29.55 0.43 -1.39
CA THR A 54 30.00 0.19 -2.75
C THR A 54 29.18 1.06 -3.68
N ILE A 55 29.84 1.68 -4.67
CA ILE A 55 29.16 2.40 -5.74
C ILE A 55 28.94 1.42 -6.88
N SER A 56 27.73 1.34 -7.40
CA SER A 56 27.46 0.65 -8.64
C SER A 56 27.19 1.70 -9.71
N VAL A 57 27.84 1.55 -10.87
CA VAL A 57 27.76 2.61 -11.88
C VAL A 57 27.72 1.99 -13.26
N LYS A 58 26.90 2.57 -14.12
CA LYS A 58 26.84 2.18 -15.53
C LYS A 58 28.04 2.79 -16.26
N THR A 59 28.93 1.94 -16.78
CA THR A 59 30.07 2.39 -17.58
C THR A 59 29.83 2.18 -19.07
N SER A 60 30.79 2.70 -19.85
CA SER A 60 31.11 2.39 -21.25
C SER A 60 30.89 0.93 -21.63
N ALA A 61 31.29 0.04 -20.73
CA ALA A 61 31.28 -1.39 -21.01
C ALA A 61 30.34 -2.11 -20.05
N GLY A 62 29.33 -1.39 -19.53
CA GLY A 62 28.32 -2.00 -18.70
C GLY A 62 28.46 -1.68 -17.23
N PRO A 63 27.59 -2.25 -16.39
CA PRO A 63 27.59 -1.89 -14.97
C PRO A 63 28.80 -2.49 -14.27
N THR A 64 29.32 -1.74 -13.30
CA THR A 64 30.46 -2.20 -12.51
C THR A 64 30.25 -1.74 -11.08
N ASN A 65 31.19 -2.12 -10.22
CA ASN A 65 31.07 -1.85 -8.80
C ASN A 65 32.45 -1.42 -8.31
N LEU A 66 32.52 -0.29 -7.61
CA LEU A 66 33.75 0.21 -7.02
C LEU A 66 33.51 0.35 -5.53
N ARG A 67 34.29 -0.38 -4.75
CA ARG A 67 34.09 -0.26 -3.32
C ARG A 67 34.60 1.09 -2.86
N ILE A 68 34.05 1.56 -1.75
CA ILE A 68 34.44 2.85 -1.17
C ILE A 68 35.23 2.53 0.09
N GLU A 69 36.51 2.87 0.08
CA GLU A 69 37.33 2.74 1.28
C GLU A 69 36.97 3.81 2.28
N TYR A 70 36.98 3.45 3.55
CA TYR A 70 36.88 4.42 4.63
C TYR A 70 38.10 4.23 5.50
N GLN A 71 39.02 5.20 5.46
CA GLN A 71 40.30 5.10 6.17
C GLN A 71 40.67 6.46 6.72
N ASP A 72 41.17 6.48 7.97
CA ASP A 72 41.56 7.73 8.63
C ASP A 72 40.43 8.76 8.57
N GLY A 73 39.21 8.30 8.86
CA GLY A 73 38.08 9.19 8.92
C GLY A 73 37.56 9.71 7.59
N LYS A 74 38.04 9.19 6.45
CA LYS A 74 37.59 9.74 5.17
C LYS A 74 37.28 8.63 4.17
N PHE A 75 36.30 8.90 3.32
CA PHE A 75 35.90 8.03 2.23
C PHE A 75 36.71 8.33 0.97
N ARG A 76 37.09 7.29 0.26
CA ARG A 76 37.79 7.45 -1.01
C ARG A 76 37.46 6.24 -1.89
N LEU A 77 37.56 6.42 -3.21
CA LEU A 77 37.31 5.30 -4.11
C LEU A 77 38.44 4.28 -4.03
N ASP A 78 38.08 3.00 -4.07
CA ASP A 78 39.06 1.92 -4.20
C ASP A 78 39.98 2.19 -5.39
N SER A 79 41.30 2.08 -5.18
CA SER A 79 42.22 2.35 -6.29
C SER A 79 43.32 1.30 -6.34
N ILE A 80 43.74 0.96 -7.57
CA ILE A 80 44.75 -0.06 -7.76
C ILE A 80 46.16 0.50 -7.57
N ILE A 81 46.36 1.80 -7.77
CA ILE A 81 47.68 2.39 -7.61
C ILE A 81 47.41 3.82 -7.19
N CAS A 82 48.04 4.29 -6.14
CA CAS A 82 47.72 5.65 -5.78
CB CAS A 82 46.52 5.67 -4.82
C CAS A 82 48.87 6.40 -5.16
O CAS A 82 49.85 5.82 -4.66
SG CAS A 82 46.73 4.57 -3.45
AS CAS A 82 47.08 6.09 -1.82
CE1 CAS A 82 47.54 5.19 -0.10
CE2 CAS A 82 45.43 7.18 -1.55
N VAL A 83 48.71 7.71 -5.23
CA VAL A 83 49.54 8.70 -4.57
C VAL A 83 48.60 9.46 -3.61
N LYS A 84 48.94 9.49 -2.32
CA LYS A 84 48.03 10.03 -1.31
C LYS A 84 47.51 11.42 -1.70
N SER A 85 48.41 12.33 -2.10
CA SER A 85 47.97 13.67 -2.44
C SER A 85 47.00 13.69 -3.62
N ALA A 86 47.01 12.66 -4.46
CA ALA A 86 46.20 12.67 -5.68
C ALA A 86 44.80 12.06 -5.51
N LEU A 87 44.54 11.34 -4.42
CA LEU A 87 43.28 10.62 -4.31
C LEU A 87 42.34 11.44 -3.44
N ALA A 88 41.22 11.85 -4.01
CA ALA A 88 40.22 12.65 -3.29
C ALA A 88 39.57 11.88 -2.16
N ALA A 89 39.56 12.46 -0.96
CA ALA A 89 39.05 11.80 0.23
C ALA A 89 38.28 12.81 1.05
N PHE A 90 37.10 12.43 1.54
CA PHE A 90 36.21 13.34 2.24
C PHE A 90 35.57 12.65 3.46
N ASP A 91 35.30 13.50 4.48
CA ASP A 91 34.50 13.10 5.64
C ASP A 91 33.15 12.54 5.22
N SER A 92 32.57 13.12 4.19
CA SER A 92 31.23 12.80 3.75
C SER A 92 31.28 11.98 2.47
N VAL A 93 30.61 10.82 2.45
CA VAL A 93 30.59 9.99 1.25
C VAL A 93 29.76 10.65 0.15
N VAL A 94 28.69 11.38 0.53
CA VAL A 94 27.93 12.12 -0.49
C VAL A 94 28.80 13.23 -1.07
N HIS A 95 29.63 13.85 -0.22
CA HIS A 95 30.59 14.84 -0.72
C HIS A 95 31.49 14.23 -1.78
N LEU A 96 31.97 13.00 -1.53
CA LEU A 96 32.84 12.31 -2.49
C LEU A 96 32.15 12.13 -3.84
N ILE A 97 30.90 11.65 -3.81
CA ILE A 97 30.16 11.48 -5.06
C ILE A 97 29.93 12.82 -5.75
N ASP A 98 29.52 13.81 -4.96
CA ASP A 98 29.20 15.13 -5.50
C ASP A 98 30.43 15.74 -6.17
N TYR A 99 31.60 15.61 -5.52
CA TYR A 99 32.86 16.03 -6.10
C TYR A 99 33.06 15.41 -7.48
N TYR A 100 32.85 14.10 -7.59
CA TYR A 100 33.14 13.50 -8.89
C TYR A 100 32.07 13.84 -9.94
N VAL A 101 30.81 14.04 -9.52
CA VAL A 101 29.77 14.48 -10.46
C VAL A 101 30.11 15.87 -10.99
N GLN A 102 30.50 16.78 -10.09
CA GLN A 102 30.92 18.11 -10.53
C GLN A 102 32.12 18.02 -11.48
N MET A 103 33.12 17.23 -11.10
CA MET A 103 34.27 17.03 -12.00
C MET A 103 33.85 16.54 -13.38
N CAS A 104 32.90 15.61 -13.42
CA CAS A 104 32.55 14.94 -14.67
CB CAS A 104 31.97 13.56 -14.33
C CAS A 104 31.58 15.72 -15.52
O CAS A 104 31.25 15.26 -16.62
SG CAS A 104 33.23 12.42 -14.82
AS CAS A 104 34.67 12.41 -13.12
CE1 CAS A 104 36.39 11.81 -13.89
CE2 CAS A 104 34.06 10.97 -11.93
N LYS A 105 31.16 16.90 -15.08
CA LYS A 105 30.39 17.77 -15.97
C LYS A 105 31.18 18.11 -17.23
N ASP A 106 32.50 17.90 -17.21
CA ASP A 106 33.36 18.06 -18.39
C ASP A 106 33.77 16.66 -18.88
N LYS A 107 32.97 16.09 -19.78
CA LYS A 107 33.23 14.78 -20.40
C LYS A 107 33.29 13.67 -19.36
N GLY A 117 39.21 0.24 -25.63
CA GLY A 117 40.27 0.50 -24.68
C GLY A 117 39.81 0.58 -23.23
N THR A 118 40.72 0.93 -22.32
CA THR A 118 40.40 0.95 -20.90
C THR A 118 39.23 1.88 -20.61
N VAL A 119 38.27 1.39 -19.83
CA VAL A 119 37.06 2.15 -19.52
C VAL A 119 37.40 3.34 -18.64
N HIS A 120 36.74 4.46 -18.90
CA HIS A 120 36.84 5.65 -18.06
C HIS A 120 35.68 5.73 -17.09
N LEU A 121 35.98 6.12 -15.85
CA LEU A 121 34.93 6.41 -14.90
C LEU A 121 34.14 7.64 -15.30
N TYR A 122 32.82 7.54 -15.21
CA TYR A 122 31.95 8.66 -15.47
C TYR A 122 30.79 8.58 -14.50
N LEU A 123 30.48 9.67 -13.82
CA LEU A 123 29.36 9.73 -12.87
C LEU A 123 28.52 10.95 -13.17
N THR A 124 27.20 10.75 -13.36
CA THR A 124 26.31 11.84 -13.77
C THR A 124 25.08 11.96 -12.89
N LYS A 125 24.21 10.95 -12.94
CA LYS A 125 22.93 11.07 -12.26
C LYS A 125 22.64 9.84 -11.42
N PRO A 126 22.01 10.01 -10.26
CA PRO A 126 21.72 8.87 -9.41
C PRO A 126 20.54 8.07 -9.94
N LEU A 127 20.50 6.82 -9.52
CA LEU A 127 19.35 5.94 -9.73
C LEU A 127 18.60 5.86 -8.39
N TYR A 128 17.45 6.52 -8.31
CA TYR A 128 16.74 6.62 -7.05
C TYR A 128 16.09 5.29 -6.68
N THR A 129 16.26 4.87 -5.44
CA THR A 129 15.47 3.75 -4.94
C THR A 129 14.08 4.19 -4.45
N SER A 130 13.93 5.47 -4.12
CA SER A 130 12.65 5.98 -3.64
C SER A 130 12.66 7.47 -3.90
N ALA A 131 11.48 8.07 -3.91
CA ALA A 131 11.39 9.49 -4.20
C ALA A 131 11.75 10.27 -2.94
N PRO A 132 12.77 11.13 -2.99
CA PRO A 132 13.07 11.97 -1.82
C PRO A 132 11.89 12.89 -1.52
N SER A 133 11.91 13.48 -0.33
CA SER A 133 10.84 14.40 0.03
C SER A 133 10.89 15.63 -0.89
N LEU A 134 9.72 16.26 -1.03
CA LEU A 134 9.68 17.50 -1.78
C LEU A 134 10.62 18.54 -1.17
N GLN A 135 10.73 18.57 0.17
CA GLN A 135 11.69 19.50 0.80
C GLN A 135 13.11 19.23 0.30
N HIS A 136 13.53 17.96 0.31
CA HIS A 136 14.89 17.64 -0.13
C HIS A 136 15.07 17.93 -1.63
N LEU A 137 14.06 17.64 -2.45
CA LEU A 137 14.17 17.95 -3.87
C LEU A 137 14.33 19.45 -4.11
N CYS A 138 13.55 20.27 -3.38
CA CYS A 138 13.73 21.72 -3.44
C CYS A 138 15.15 22.10 -3.05
N ARG A 139 15.68 21.47 -1.99
CA ARG A 139 17.03 21.78 -1.54
C ARG A 139 18.05 21.47 -2.63
N LEU A 140 17.87 20.35 -3.33
CA LEU A 140 18.76 20.02 -4.44
C LEU A 140 18.70 21.11 -5.50
N THR A 141 17.49 21.49 -5.91
CA THR A 141 17.34 22.54 -6.92
C THR A 141 17.98 23.84 -6.47
N ILE A 142 17.77 24.24 -5.21
CA ILE A 142 18.40 25.48 -4.73
C ILE A 142 19.92 25.35 -4.79
N ASN A 143 20.46 24.21 -4.36
CA ASN A 143 21.91 24.00 -4.39
C ASN A 143 22.44 24.07 -5.81
N LYS A 144 21.64 23.68 -6.80
CA LYS A 144 22.08 23.79 -8.18
C LYS A 144 22.00 25.22 -8.68
N CAS A 145 21.13 26.03 -8.08
CA CAS A 145 20.98 27.42 -8.47
CB CAS A 145 19.53 27.80 -8.11
C CAS A 145 22.03 28.33 -7.83
O CAS A 145 22.56 29.26 -8.47
SG CAS A 145 19.14 29.51 -8.04
AS CAS A 145 17.42 29.62 -6.55
CE1 CAS A 145 16.62 31.44 -6.53
CE2 CAS A 145 16.07 28.22 -6.97
N THR A 146 22.39 28.07 -6.58
CA THR A 146 23.31 28.96 -5.90
C THR A 146 24.09 28.26 -4.78
N GLY A 147 25.34 28.69 -4.58
CA GLY A 147 26.07 28.26 -3.41
C GLY A 147 25.86 29.13 -2.19
N ALA A 148 25.26 30.31 -2.36
CA ALA A 148 25.13 31.28 -1.29
C ALA A 148 23.66 31.30 -0.91
N ILE A 149 23.33 30.61 0.19
CA ILE A 149 21.92 30.52 0.58
C ILE A 149 21.56 31.49 1.69
N TRP A 150 22.55 32.07 2.38
CA TRP A 150 22.25 32.88 3.56
C TRP A 150 21.68 34.24 3.20
N GLY A 151 21.71 34.62 1.93
CA GLY A 151 21.08 35.83 1.45
C GLY A 151 19.71 35.62 0.86
N LEU A 152 19.22 34.38 0.80
CA LEU A 152 17.94 34.10 0.16
C LEU A 152 16.76 34.55 1.03
N PRO A 153 15.64 34.89 0.41
CA PRO A 153 14.45 35.30 1.21
C PRO A 153 13.73 34.09 1.78
N LEU A 154 14.30 33.54 2.86
CA LEU A 154 13.85 32.35 3.55
C LEU A 154 14.00 32.59 5.04
N PRO A 155 13.09 32.06 5.88
CA PRO A 155 13.33 32.10 7.32
C PRO A 155 14.57 31.31 7.69
N THR A 156 15.24 31.72 8.77
CA THR A 156 16.53 31.12 9.07
C THR A 156 16.41 29.64 9.40
N ARG A 157 15.28 29.19 9.95
CA ARG A 157 15.07 27.76 10.14
C ARG A 157 15.26 26.98 8.83
N LEU A 158 14.81 27.55 7.70
CA LEU A 158 15.01 26.85 6.43
C LEU A 158 16.39 27.10 5.83
N LYS A 159 17.03 28.23 6.17
CA LYS A 159 18.45 28.34 5.85
C LYS A 159 19.27 27.28 6.58
N ASP A 160 18.97 27.02 7.86
CA ASP A 160 19.60 25.90 8.57
C ASP A 160 19.35 24.58 7.85
N TYR A 161 18.09 24.36 7.43
CA TYR A 161 17.78 23.13 6.67
C TYR A 161 18.68 22.99 5.43
N LEU A 162 18.77 24.06 4.61
CA LEU A 162 19.63 24.01 3.44
C LEU A 162 21.08 23.74 3.80
N GLU A 163 21.53 24.29 4.93
CA GLU A 163 22.92 24.08 5.33
C GLU A 163 23.21 22.64 5.72
N GLU A 164 22.18 21.86 6.06
CA GLU A 164 22.46 20.48 6.43
C GLU A 164 22.84 19.59 5.25
N TYR A 165 22.65 20.06 4.02
CA TYR A 165 22.92 19.22 2.86
C TYR A 165 23.23 20.16 1.69
N LYS A 166 24.50 20.36 1.41
CA LYS A 166 24.97 21.35 0.45
C LYS A 166 25.13 20.79 -0.97
N PHE A 167 24.91 19.49 -1.18
CA PHE A 167 25.32 18.85 -2.42
C PHE A 167 24.28 19.07 -3.52
N GLN A 168 24.71 18.86 -4.74
CA GLN A 168 23.84 18.99 -5.91
C GLN A 168 23.32 17.64 -6.40
N VAL A 169 23.64 16.55 -5.70
CA VAL A 169 23.08 15.24 -6.02
C VAL A 169 22.59 14.63 -4.73
N MET B 1 1.02 2.55 -19.49
CA MET B 1 -0.33 2.53 -19.99
C MET B 1 -1.20 3.57 -19.28
N ASP B 2 -0.71 4.16 -18.18
CA ASP B 2 -1.44 5.24 -17.51
C ASP B 2 -0.99 6.62 -17.99
N VAL B 3 -1.95 7.54 -18.03
CA VAL B 3 -1.72 8.95 -18.34
C VAL B 3 -2.25 9.76 -17.17
N PHE B 4 -1.51 10.82 -16.83
CA PHE B 4 -1.76 11.57 -15.60
C PHE B 4 -2.20 12.97 -16.01
N LEU B 5 -3.30 13.41 -15.43
CA LEU B 5 -4.09 14.48 -16.01
C LEU B 5 -4.41 15.50 -14.93
N MET B 6 -4.59 16.73 -15.39
CA MET B 6 -5.23 17.83 -14.66
C MET B 6 -6.44 18.23 -15.47
N ILE B 7 -7.63 17.93 -14.98
CA ILE B 7 -8.88 18.34 -15.61
C ILE B 7 -9.30 19.67 -15.00
N ARG B 8 -9.39 20.72 -15.83
CA ARG B 8 -9.46 22.09 -15.33
C ARG B 8 -10.69 22.81 -15.87
N ARG B 9 -11.40 23.48 -14.96
CA ARG B 9 -12.51 24.34 -15.37
C ARG B 9 -12.60 25.47 -14.35
N HIS B 10 -12.63 26.71 -14.84
CA HIS B 10 -12.68 27.89 -13.98
C HIS B 10 -11.57 27.78 -12.93
N LYS B 11 -11.92 27.78 -11.64
CA LYS B 11 -10.95 27.68 -10.55
C LYS B 11 -10.93 26.28 -9.93
N THR B 12 -11.31 25.25 -10.70
CA THR B 12 -11.31 23.85 -10.30
C THR B 12 -10.28 23.10 -11.10
N THR B 13 -9.44 22.33 -10.42
CA THR B 13 -8.48 21.46 -11.08
C THR B 13 -8.60 20.10 -10.42
N ILE B 14 -8.91 19.06 -11.20
CA ILE B 14 -8.95 17.66 -10.73
C ILE B 14 -7.67 16.96 -11.17
N PHE B 15 -6.92 16.41 -10.21
CA PHE B 15 -5.78 15.56 -10.52
C PHE B 15 -6.24 14.12 -10.59
N THR B 16 -6.10 13.49 -11.76
CA THR B 16 -6.50 12.09 -11.81
C THR B 16 -5.69 11.37 -12.90
N ASP B 17 -5.86 10.05 -12.98
CA ASP B 17 -5.18 9.29 -14.01
C ASP B 17 -6.18 8.37 -14.70
N ALA B 18 -5.80 7.91 -15.89
CA ALA B 18 -6.66 7.03 -16.67
C ALA B 18 -5.77 6.21 -17.60
N LYS B 19 -6.33 5.14 -18.14
CA LYS B 19 -5.56 4.37 -19.12
C LYS B 19 -5.49 5.14 -20.43
N GLU B 20 -4.33 5.10 -21.05
CA GLU B 20 -4.17 5.66 -22.38
C GLU B 20 -5.21 5.09 -23.35
N SER B 21 -5.58 3.83 -23.19
CA SER B 21 -6.55 3.20 -24.10
C SER B 21 -8.00 3.46 -23.71
N SER B 22 -8.26 4.10 -22.58
CA SER B 22 -9.61 4.47 -22.18
C SER B 22 -10.06 5.69 -22.98
N THR B 23 -11.37 5.98 -22.98
CA THR B 23 -11.93 6.95 -23.91
C THR B 23 -12.30 8.25 -23.21
N VAL B 24 -12.54 9.26 -24.04
CA VAL B 24 -13.05 10.55 -23.59
C VAL B 24 -14.36 10.38 -22.82
N PHE B 25 -15.26 9.54 -23.34
CA PHE B 25 -16.53 9.34 -22.65
C PHE B 25 -16.31 8.80 -21.24
N GLU B 26 -15.44 7.79 -21.10
CA GLU B 26 -15.14 7.25 -19.79
C GLU B 26 -14.48 8.30 -18.90
N LEU B 27 -13.69 9.21 -19.47
CA LEU B 27 -13.14 10.28 -18.64
C LEU B 27 -14.26 11.19 -18.15
N LYS B 28 -15.26 11.45 -19.01
CA LYS B 28 -16.43 12.21 -18.56
C LYS B 28 -17.13 11.50 -17.42
N ARG B 29 -17.19 10.16 -17.45
CA ARG B 29 -17.83 9.48 -16.32
C ARG B 29 -17.02 9.68 -15.04
N ILE B 30 -15.68 9.75 -15.16
CA ILE B 30 -14.86 10.07 -13.98
C ILE B 30 -15.25 11.45 -13.43
N VAL B 31 -15.27 12.43 -14.33
CA VAL B 31 -15.66 13.77 -13.94
C VAL B 31 -17.03 13.75 -13.29
N GLU B 32 -17.94 12.91 -13.81
CA GLU B 32 -19.29 12.82 -13.25
C GLU B 32 -19.25 12.34 -11.82
N GLY B 33 -18.42 11.35 -11.53
CA GLY B 33 -18.30 10.92 -10.16
C GLY B 33 -17.77 11.99 -9.22
N ILE B 34 -17.09 13.00 -9.73
CA ILE B 34 -16.49 14.02 -8.84
C ILE B 34 -17.31 15.30 -8.78
N LEU B 35 -17.66 15.88 -9.92
CA LEU B 35 -18.34 17.15 -9.99
C LEU B 35 -19.85 17.01 -10.20
N LYS B 36 -20.36 15.78 -10.32
CA LYS B 36 -21.80 15.50 -10.27
C LYS B 36 -22.56 16.12 -11.43
N ARG B 37 -21.97 16.09 -12.63
CA ARG B 37 -22.65 16.48 -13.86
C ARG B 37 -22.49 15.38 -14.90
N PRO B 38 -23.53 15.06 -15.65
CA PRO B 38 -23.49 13.91 -16.56
C PRO B 38 -22.64 14.19 -17.78
N PRO B 39 -22.14 13.13 -18.45
CA PRO B 39 -21.28 13.32 -19.63
C PRO B 39 -21.91 14.20 -20.69
N ASP B 40 -23.22 14.11 -20.92
CA ASP B 40 -23.79 14.97 -21.95
C ASP B 40 -23.90 16.43 -21.51
N GLU B 41 -23.52 16.77 -20.27
CA GLU B 41 -23.36 18.16 -19.88
C GLU B 41 -21.91 18.58 -19.84
N GLN B 42 -21.00 17.77 -20.39
CA GLN B 42 -19.56 18.06 -20.36
C GLN B 42 -19.01 18.08 -21.78
N ARG B 43 -18.14 19.07 -22.04
CA ARG B 43 -17.20 19.05 -23.15
C ARG B 43 -15.77 19.04 -22.59
N LEU B 44 -14.93 18.17 -23.13
CA LEU B 44 -13.54 18.10 -22.73
C LEU B 44 -12.71 18.60 -23.90
N TYR B 45 -11.60 19.26 -23.59
CA TYR B 45 -10.72 19.84 -24.59
C TYR B 45 -9.27 19.47 -24.33
N LYS B 46 -8.51 19.31 -25.41
CA LYS B 46 -7.06 19.44 -25.35
C LYS B 46 -6.72 20.76 -26.03
N ASP B 47 -6.11 21.66 -25.26
CA ASP B 47 -5.98 23.06 -25.67
C ASP B 47 -7.34 23.55 -26.15
N ASP B 48 -7.43 23.97 -27.40
CA ASP B 48 -8.69 24.46 -27.94
C ASP B 48 -9.48 23.40 -28.70
N GLN B 49 -8.98 22.17 -28.77
CA GLN B 49 -9.60 21.13 -29.58
C GLN B 49 -10.62 20.34 -28.75
N LEU B 50 -11.87 20.36 -29.22
CA LEU B 50 -12.90 19.52 -28.63
C LEU B 50 -12.58 18.04 -28.85
N LEU B 51 -12.69 17.25 -27.78
CA LEU B 51 -12.36 15.83 -27.83
C LEU B 51 -13.63 15.01 -27.99
N ASP B 52 -13.62 14.13 -28.99
CA ASP B 52 -14.78 13.30 -29.28
C ASP B 52 -14.86 12.13 -28.32
N ASP B 53 -16.09 11.85 -27.87
CA ASP B 53 -16.31 10.83 -26.85
C ASP B 53 -15.69 9.48 -27.20
N GLY B 54 -15.71 9.11 -28.48
CA GLY B 54 -15.26 7.79 -28.86
C GLY B 54 -13.75 7.62 -28.97
N LYS B 55 -12.99 8.70 -28.92
CA LYS B 55 -11.53 8.61 -29.04
C LYS B 55 -10.91 8.15 -27.73
N THR B 56 -9.85 7.36 -27.84
CA THR B 56 -9.06 7.02 -26.67
C THR B 56 -8.23 8.24 -26.26
N LEU B 57 -7.76 8.22 -25.02
CA LEU B 57 -6.92 9.34 -24.58
C LEU B 57 -5.66 9.45 -25.42
N GLY B 58 -5.01 8.30 -25.70
CA GLY B 58 -3.83 8.33 -26.55
C GLY B 58 -4.12 8.92 -27.92
N GLU B 59 -5.30 8.60 -28.48
CA GLU B 59 -5.67 9.17 -29.76
C GLU B 59 -5.89 10.67 -29.67
N CYS B 60 -6.20 11.19 -28.48
CA CYS B 60 -6.29 12.64 -28.33
C CYS B 60 -4.93 13.32 -28.13
N GLY B 61 -3.87 12.54 -27.93
CA GLY B 61 -2.56 13.10 -27.64
C GLY B 61 -2.11 12.99 -26.19
N PHE B 62 -2.85 12.30 -25.35
CA PHE B 62 -2.46 12.06 -23.96
C PHE B 62 -1.79 10.70 -23.93
N THR B 63 -0.46 10.69 -23.91
CA THR B 63 0.35 9.48 -23.92
C THR B 63 1.21 9.43 -22.66
N SER B 64 1.71 8.23 -22.35
CA SER B 64 2.59 8.05 -21.20
C SER B 64 3.84 8.92 -21.30
N GLN B 65 4.22 9.33 -22.51
CA GLN B 65 5.32 10.27 -22.69
C GLN B 65 4.92 11.71 -22.38
N THR B 66 3.68 12.07 -22.66
CA THR B 66 3.23 13.45 -22.58
C THR B 66 2.33 13.75 -21.38
N ALA B 67 2.00 12.73 -20.57
CA ALA B 67 1.07 12.91 -19.46
C ALA B 67 1.58 12.08 -18.29
N ARG B 68 2.64 12.57 -17.64
CA ARG B 68 3.42 11.95 -16.58
C ARG B 68 2.97 12.44 -15.21
N PRO B 69 3.15 11.62 -14.16
CA PRO B 69 2.73 12.03 -12.80
C PRO B 69 3.34 13.35 -12.34
N GLN B 70 4.63 13.55 -12.63
CA GLN B 70 5.33 14.77 -12.26
C GLN B 70 5.10 15.92 -13.24
N ALA B 71 4.41 15.66 -14.35
CA ALA B 71 4.08 16.72 -15.30
C ALA B 71 2.81 16.31 -16.04
N PRO B 72 1.66 16.40 -15.37
CA PRO B 72 0.42 15.92 -15.96
C PRO B 72 -0.03 16.80 -17.13
N ALA B 73 -0.77 16.19 -18.05
CA ALA B 73 -1.37 16.96 -19.13
C ALA B 73 -2.68 17.60 -18.68
N THR B 74 -2.95 18.78 -19.21
CA THR B 74 -4.17 19.52 -18.87
C THR B 74 -5.28 19.13 -19.83
N VAL B 75 -6.45 18.82 -19.27
CA VAL B 75 -7.70 18.64 -20.02
C VAL B 75 -8.64 19.77 -19.62
N GLY B 76 -9.09 20.57 -20.58
CA GLY B 76 -10.12 21.57 -20.30
C GLY B 76 -11.51 20.97 -20.18
N LEU B 77 -12.37 21.60 -19.36
CA LEU B 77 -13.73 21.12 -19.13
C LEU B 77 -14.73 22.28 -19.18
N ALA B 78 -15.78 22.12 -19.96
CA ALA B 78 -16.89 23.07 -19.97
C ALA B 78 -18.19 22.33 -19.65
N PHE B 79 -19.07 23.00 -18.90
CA PHE B 79 -20.36 22.46 -18.50
C PHE B 79 -21.46 23.11 -19.35
N ARG B 80 -22.57 22.38 -19.50
CA ARG B 80 -23.72 22.87 -20.24
C ARG B 80 -24.61 23.64 -19.26
N ALA B 81 -24.84 24.92 -19.55
CA ALA B 81 -25.77 25.74 -18.78
C ALA B 81 -27.13 25.70 -19.48
N ASP B 82 -28.07 24.95 -18.90
CA ASP B 82 -29.41 24.79 -19.44
C ASP B 82 -29.36 24.18 -20.84
N ASP B 83 -29.41 25.01 -21.87
CA ASP B 83 -29.48 24.48 -23.24
C ASP B 83 -28.16 24.58 -24.01
N THR B 84 -27.24 25.47 -23.59
CA THR B 84 -26.05 25.76 -24.38
C THR B 84 -24.81 25.66 -23.51
N PHE B 85 -23.72 25.21 -24.10
CA PHE B 85 -22.47 25.05 -23.37
C PHE B 85 -21.80 26.39 -23.10
N GLU B 86 -21.22 26.51 -21.91
CA GLU B 86 -20.36 27.63 -21.62
C GLU B 86 -19.13 27.57 -22.51
N ALA B 87 -18.49 28.73 -22.69
CA ALA B 87 -17.18 28.74 -23.32
C ALA B 87 -16.16 28.16 -22.36
N LEU B 88 -15.18 27.48 -22.92
CA LEU B 88 -14.08 26.95 -22.12
C LEU B 88 -13.38 28.12 -21.43
N CAS B 89 -13.28 28.06 -20.10
CA CAS B 89 -12.55 29.07 -19.37
CB CAS B 89 -13.50 30.16 -18.84
C CAS B 89 -11.80 28.40 -18.26
O CAS B 89 -12.38 27.65 -17.42
SG CAS B 89 -12.69 31.72 -18.54
AS CAS B 89 -12.94 31.40 -16.35
CE1 CAS B 89 -11.94 32.90 -15.49
CE2 CAS B 89 -14.85 31.51 -15.81
N ILE B 90 -10.49 28.62 -18.25
CA ILE B 90 -9.64 28.12 -17.18
C ILE B 90 -8.91 29.28 -16.52
N GLU B 91 -9.16 29.49 -15.24
CA GLU B 91 -8.51 30.58 -14.51
C GLU B 91 -7.03 30.24 -14.31
N PRO B 92 -6.11 31.13 -14.68
CA PRO B 92 -4.69 30.80 -14.50
C PRO B 92 -4.35 30.71 -13.03
N PHE B 93 -3.34 29.90 -12.73
CA PHE B 93 -2.73 29.90 -11.40
C PHE B 93 -2.02 31.23 -11.14
N SER B 94 -1.67 31.45 -9.88
CA SER B 94 -0.92 32.64 -9.48
C SER B 94 0.46 32.64 -10.13
N SER B 95 1.25 33.68 -9.86
CA SER B 95 2.58 33.82 -10.45
C SER B 95 3.66 33.91 -9.38
N PRO B 96 4.78 33.20 -9.54
CA PRO B 96 5.90 33.37 -8.62
C PRO B 96 6.45 34.77 -8.69
N PRO B 97 7.23 35.19 -7.70
CA PRO B 97 7.97 36.46 -7.82
C PRO B 97 9.11 36.33 -8.82
N GLU B 98 9.74 37.48 -9.10
CA GLU B 98 10.97 37.47 -9.88
C GLU B 98 12.06 36.76 -9.09
N LEU B 99 12.95 36.08 -9.82
CA LEU B 99 14.04 35.37 -9.18
C LEU B 99 14.92 36.33 -8.38
N PRO B 100 15.39 35.95 -7.19
CA PRO B 100 16.30 36.83 -6.45
C PRO B 100 17.61 37.03 -7.21
N ASP B 101 18.42 37.95 -6.69
CA ASP B 101 19.66 38.32 -7.38
C ASP B 101 20.55 37.11 -7.59
N VAL B 102 20.88 36.39 -6.52
CA VAL B 102 21.87 35.32 -6.60
C VAL B 102 21.35 34.06 -7.30
N MET B 103 20.14 34.09 -7.82
CA MET B 103 19.58 32.97 -8.58
C MET B 103 20.44 32.56 -9.77
N MET C 1 -15.16 9.56 -0.04
CA MET C 1 -13.95 10.28 0.32
C MET C 1 -12.76 9.85 -0.51
N MET C 2 -12.98 9.19 -1.66
CA MET C 2 -11.84 8.84 -2.50
C MET C 2 -11.01 10.09 -2.81
N TYR C 3 -11.67 11.24 -3.00
CA TYR C 3 -10.99 12.50 -3.31
C TYR C 3 -11.23 13.52 -2.19
N VAL C 4 -10.26 14.40 -1.99
CA VAL C 4 -10.35 15.50 -1.05
C VAL C 4 -10.05 16.78 -1.83
N LYS C 5 -10.61 17.90 -1.38
CA LYS C 5 -10.36 19.18 -2.02
C LYS C 5 -9.37 20.02 -1.20
N LEU C 6 -8.35 20.54 -1.86
CA LEU C 6 -7.36 21.43 -1.24
C LEU C 6 -7.49 22.79 -1.88
N ILE C 7 -7.66 23.83 -1.07
CA ILE C 7 -7.98 25.15 -1.59
C ILE C 7 -6.81 26.09 -1.28
N SER C 8 -6.33 26.76 -2.32
CA SER C 8 -5.14 27.60 -2.22
C SER C 8 -5.51 28.96 -1.65
N SER C 9 -4.48 29.78 -1.38
CA SER C 9 -4.75 31.05 -0.73
C SER C 9 -5.58 31.94 -1.64
N ASP C 10 -5.38 31.83 -2.94
CA ASP C 10 -6.11 32.64 -3.90
C ASP C 10 -7.39 31.93 -4.39
N GLY C 11 -7.78 30.85 -3.74
CA GLY C 11 -9.09 30.27 -3.96
C GLY C 11 -9.17 29.23 -5.06
N HIS C 12 -8.05 28.74 -5.57
CA HIS C 12 -8.14 27.65 -6.53
C HIS C 12 -8.47 26.38 -5.77
N GLU C 13 -9.34 25.56 -6.34
CA GLU C 13 -9.76 24.31 -5.74
C GLU C 13 -9.09 23.13 -6.45
N PHE C 14 -8.30 22.36 -5.72
CA PHE C 14 -7.60 21.20 -6.28
C PHE C 14 -8.25 19.96 -5.71
N ILE C 15 -8.79 19.12 -6.56
CA ILE C 15 -9.46 17.91 -6.12
C ILE C 15 -8.51 16.78 -6.44
N VAL C 16 -8.03 16.08 -5.39
CA VAL C 16 -6.95 15.12 -5.53
C VAL C 16 -7.33 13.89 -4.71
N LYS C 17 -6.78 12.75 -5.07
CA LYS C 17 -7.10 11.56 -4.30
C LYS C 17 -6.67 11.74 -2.85
N ARG C 18 -7.54 11.29 -1.94
CA ARG C 18 -7.21 11.35 -0.50
C ARG C 18 -5.87 10.69 -0.22
N GLU C 19 -5.69 9.45 -0.70
CA GLU C 19 -4.42 8.74 -0.50
C GLU C 19 -3.24 9.60 -0.95
N HIS C 20 -3.42 10.38 -2.02
CA HIS C 20 -2.31 11.20 -2.48
C HIS C 20 -2.03 12.35 -1.51
N ALA C 21 -3.09 13.02 -1.04
CA ALA C 21 -2.93 14.12 -0.09
C ALA C 21 -2.29 13.65 1.21
N LEU C 22 -2.53 12.39 1.61
CA LEU C 22 -1.86 11.89 2.82
C LEU C 22 -0.34 11.87 2.70
N THR C 23 0.20 12.12 1.50
CA THR C 23 1.65 12.29 1.37
C THR C 23 2.14 13.40 2.30
N SER C 24 1.33 14.43 2.48
CA SER C 24 1.63 15.53 3.38
C SER C 24 1.37 15.09 4.81
N GLY C 25 2.39 15.10 5.67
CA GLY C 25 2.16 14.81 7.07
C GLY C 25 1.18 15.77 7.70
N THR C 26 1.23 17.03 7.27
CA THR C 26 0.34 18.02 7.85
C THR C 26 -1.11 17.75 7.48
N ILE C 27 -1.35 17.41 6.22
CA ILE C 27 -2.71 17.09 5.78
C ILE C 27 -3.18 15.81 6.45
N LYS C 28 -2.31 14.80 6.49
CA LYS C 28 -2.69 13.55 7.14
C LYS C 28 -3.11 13.78 8.59
N ALA C 29 -2.34 14.59 9.35
CA ALA C 29 -2.75 14.82 10.73
C ALA C 29 -4.08 15.55 10.77
N MET C 30 -4.34 16.41 9.79
CA MET C 30 -5.61 17.13 9.78
C MET C 30 -6.79 16.21 9.47
N LEU C 31 -6.62 15.25 8.53
CA LEU C 31 -7.71 14.36 8.10
C LEU C 31 -7.82 13.08 8.89
N SER C 32 -6.68 12.48 9.20
CA SER C 32 -6.65 11.21 9.90
C SER C 32 -6.25 11.46 11.34
N GLY C 33 -6.93 12.43 11.92
CA GLY C 33 -6.69 12.82 13.28
C GLY C 33 -7.97 12.69 14.08
N PRO C 34 -8.13 13.53 15.09
CA PRO C 34 -9.31 13.44 15.96
C PRO C 34 -10.50 14.22 15.40
N GLY C 35 -11.52 14.40 16.22
CA GLY C 35 -12.72 15.06 15.79
C GLY C 35 -13.89 14.63 16.65
N GLN C 36 -15.09 14.96 16.17
CA GLN C 36 -16.32 14.59 16.86
C GLN C 36 -17.13 13.67 15.97
N PHE C 37 -17.51 12.49 16.51
CA PHE C 37 -18.11 11.43 15.70
C PHE C 37 -19.43 11.85 15.08
N ALA C 38 -20.27 12.53 15.84
CA ALA C 38 -21.62 12.82 15.37
C ALA C 38 -21.69 14.03 14.46
N GLU C 39 -20.58 14.72 14.22
CA GLU C 39 -20.62 15.98 13.51
C GLU C 39 -20.25 15.81 12.04
N ASN C 40 -20.76 16.74 11.25
CA ASN C 40 -20.39 16.83 9.86
C ASN C 40 -18.92 17.27 9.75
N GLU C 41 -18.20 16.68 8.81
CA GLU C 41 -16.79 16.96 8.61
C GLU C 41 -16.54 17.42 7.18
N THR C 42 -16.13 18.69 7.02
CA THR C 42 -15.86 19.23 5.69
C THR C 42 -14.73 18.47 5.01
N ASN C 43 -14.95 18.04 3.76
CA ASN C 43 -13.95 17.30 3.00
C ASN C 43 -13.08 18.24 2.16
N GLU C 44 -12.67 19.38 2.75
CA GLU C 44 -11.90 20.44 2.12
C GLU C 44 -10.91 21.02 3.13
N VAL C 45 -9.70 21.30 2.67
CA VAL C 45 -8.65 21.91 3.47
C VAL C 45 -8.25 23.21 2.81
N ASN C 46 -8.36 24.33 3.54
CA ASN C 46 -7.97 25.64 3.04
C ASN C 46 -6.58 26.00 3.55
N PHE C 47 -5.74 26.51 2.66
CA PHE C 47 -4.40 26.97 3.00
C PHE C 47 -4.35 28.49 2.80
N ARG C 48 -4.25 29.24 3.90
CA ARG C 48 -4.22 30.69 3.78
C ARG C 48 -2.91 31.24 3.19
N GLU C 49 -1.83 30.46 3.16
CA GLU C 49 -0.56 31.02 2.74
C GLU C 49 0.13 30.20 1.65
N ILE C 50 -0.59 29.30 0.99
CA ILE C 50 -0.02 28.56 -0.13
C ILE C 50 -0.78 28.98 -1.39
N PRO C 51 -0.16 29.67 -2.32
CA PRO C 51 -0.85 30.12 -3.53
C PRO C 51 -0.96 29.00 -4.56
N SER C 52 -1.79 29.23 -5.59
CA SER C 52 -2.17 28.10 -6.46
C SER C 52 -1.01 27.61 -7.30
N HIS C 53 -0.09 28.48 -7.74
CA HIS C 53 1.01 27.94 -8.53
C HIS C 53 1.88 27.03 -7.67
N VAL C 54 1.91 27.27 -6.38
CA VAL C 54 2.68 26.40 -5.50
C VAL C 54 1.89 25.13 -5.20
N LEU C 55 0.63 25.28 -4.80
CA LEU C 55 -0.18 24.12 -4.42
C LEU C 55 -0.36 23.17 -5.60
N SER C 56 -0.44 23.70 -6.82
CA SER C 56 -0.58 22.78 -7.95
C SER C 56 0.65 21.91 -8.11
N LYS C 57 1.84 22.51 -7.96
CA LYS C 57 3.10 21.77 -8.01
C LYS C 57 3.17 20.75 -6.88
N VAL C 58 2.72 21.15 -5.69
CA VAL C 58 2.64 20.21 -4.58
C VAL C 58 1.78 19.00 -4.94
N CYS C 59 0.60 19.22 -5.55
CA CYS C 59 -0.24 18.09 -5.93
C CYS C 59 0.45 17.20 -6.96
N MET C 60 1.20 17.80 -7.90
CA MET C 60 2.00 16.97 -8.80
C MET C 60 2.97 16.10 -8.01
N TYR C 61 3.64 16.70 -6.99
CA TYR C 61 4.53 15.91 -6.16
C TYR C 61 3.78 14.75 -5.51
N PHE C 62 2.56 15.00 -5.01
CA PHE C 62 1.78 13.89 -4.42
C PHE C 62 1.63 12.76 -5.43
N THR C 63 1.25 13.11 -6.67
CA THR C 63 1.02 12.05 -7.67
C THR C 63 2.30 11.27 -7.92
N TYR C 64 3.40 12.01 -8.10
CA TYR C 64 4.71 11.43 -8.32
C TYR C 64 5.15 10.53 -7.17
N LYS C 65 4.99 11.02 -5.95
CA LYS C 65 5.41 10.25 -4.79
C LYS C 65 4.62 8.95 -4.69
N VAL C 66 3.30 9.01 -4.94
CA VAL C 66 2.52 7.78 -4.76
C VAL C 66 2.83 6.82 -5.89
N ARG C 67 3.02 7.34 -7.11
CA ARG C 67 3.29 6.46 -8.25
C ARG C 67 4.61 5.70 -8.08
N TYR C 68 5.62 6.37 -7.52
CA TYR C 68 6.97 5.83 -7.44
C TYR C 68 7.34 5.36 -6.03
N THR C 69 6.35 5.06 -5.20
CA THR C 69 6.57 4.41 -3.92
C THR C 69 6.17 2.95 -4.08
N ASN C 70 7.01 2.06 -3.57
CA ASN C 70 6.78 0.62 -3.64
C ASN C 70 6.58 0.16 -5.08
N SER C 71 7.31 0.77 -6.01
CA SER C 71 7.21 0.43 -7.42
C SER C 71 8.54 -0.08 -7.96
N SER C 72 8.45 -1.04 -8.90
CA SER C 72 9.62 -1.47 -9.63
C SER C 72 10.04 -0.49 -10.72
N THR C 73 9.19 0.48 -11.04
CA THR C 73 9.44 1.41 -12.14
C THR C 73 10.60 2.34 -11.80
N GLU C 74 11.52 2.51 -12.74
CA GLU C 74 12.61 3.46 -12.56
C GLU C 74 12.05 4.86 -12.30
N ILE C 75 12.63 5.56 -11.34
CA ILE C 75 12.06 6.83 -10.84
C ILE C 75 12.64 7.97 -11.65
N PRO C 76 11.82 8.75 -12.34
CA PRO C 76 12.32 9.85 -13.17
C PRO C 76 12.47 11.10 -12.33
N GLU C 77 13.10 12.11 -12.90
CA GLU C 77 13.28 13.36 -12.16
C GLU C 77 11.96 14.06 -11.93
N PHE C 78 11.84 14.74 -10.79
CA PHE C 78 10.69 15.60 -10.51
C PHE C 78 11.11 17.02 -10.84
N PRO C 79 10.61 17.63 -11.92
CA PRO C 79 11.21 18.90 -12.35
C PRO C 79 10.73 20.04 -11.46
N ILE C 80 11.66 20.89 -11.06
CA ILE C 80 11.33 22.03 -10.19
C ILE C 80 12.01 23.24 -10.80
N ALA C 81 11.24 24.20 -11.25
CA ALA C 81 11.85 25.37 -11.85
C ALA C 81 12.55 26.20 -10.76
N PRO C 82 13.73 26.73 -11.02
CA PRO C 82 14.38 27.57 -10.01
C PRO C 82 13.47 28.68 -9.50
N GLU C 83 12.62 29.23 -10.36
CA GLU C 83 11.75 30.35 -10.02
C GLU C 83 10.74 30.02 -8.94
N ILE C 84 10.47 28.73 -8.71
CA ILE C 84 9.46 28.32 -7.75
C ILE C 84 10.07 27.62 -6.54
N ALA C 85 11.38 27.37 -6.55
CA ALA C 85 11.95 26.47 -5.55
C ALA C 85 11.84 27.04 -4.13
N LEU C 86 12.04 28.35 -3.94
CA LEU C 86 11.95 28.88 -2.56
C LEU C 86 10.54 28.74 -1.99
N GLU C 87 9.52 29.19 -2.73
CA GLU C 87 8.15 29.03 -2.25
C GLU C 87 7.80 27.56 -2.08
N LEU C 88 8.27 26.72 -3.00
CA LEU C 88 7.92 25.30 -2.94
C LEU C 88 8.55 24.64 -1.73
N LEU C 89 9.81 25.00 -1.42
CA LEU C 89 10.45 24.57 -0.18
C LEU C 89 9.62 24.98 1.03
N MET C 90 9.21 26.25 1.10
CA MET C 90 8.45 26.71 2.27
C MET C 90 7.15 25.92 2.42
N ALA C 91 6.44 25.70 1.30
CA ALA C 91 5.19 24.95 1.35
C ALA C 91 5.43 23.49 1.70
N ALA C 92 6.46 22.86 1.13
CA ALA C 92 6.77 21.47 1.46
C ALA C 92 7.11 21.34 2.93
N ASN C 93 7.83 22.31 3.47
CA ASN C 93 8.17 22.23 4.88
C ASN C 93 6.92 22.39 5.75
N PHE C 94 6.06 23.37 5.41
CA PHE C 94 4.83 23.53 6.18
C PHE C 94 3.99 22.27 6.11
N LEU C 95 3.96 21.62 4.94
CA LEU C 95 3.12 20.46 4.70
C LEU C 95 3.73 19.15 5.15
N ASP C 96 5.00 19.17 5.56
CA ASP C 96 5.75 17.98 5.92
C ASP C 96 5.67 16.94 4.80
N CYS C 97 6.14 17.33 3.62
CA CYS C 97 6.24 16.31 2.58
C CYS C 97 7.51 16.45 1.74
N SER D 1 -25.60 -28.17 -21.72
CA SER D 1 -24.47 -27.29 -22.03
C SER D 1 -23.39 -28.02 -22.82
N MET D 2 -22.43 -27.26 -23.32
CA MET D 2 -21.28 -27.81 -24.01
C MET D 2 -20.04 -27.64 -23.13
N GLN D 3 -18.96 -28.32 -23.55
CA GLN D 3 -17.78 -28.45 -22.70
C GLN D 3 -17.16 -27.09 -22.37
N ALA D 4 -17.10 -26.17 -23.34
CA ALA D 4 -16.48 -24.89 -23.06
C ALA D 4 -17.20 -24.17 -21.94
N ALA D 5 -18.54 -24.22 -21.95
CA ALA D 5 -19.32 -23.56 -20.90
C ALA D 5 -19.05 -24.20 -19.56
N ARG D 6 -19.02 -25.53 -19.52
CA ARG D 6 -18.74 -26.23 -18.25
C ARG D 6 -17.36 -25.90 -17.72
N LEU D 7 -16.34 -25.91 -18.58
CA LEU D 7 -14.99 -25.53 -18.12
C LEU D 7 -14.92 -24.07 -17.69
N ALA D 8 -15.55 -23.17 -18.46
CA ALA D 8 -15.60 -21.77 -18.04
C ALA D 8 -16.22 -21.63 -16.65
N LYS D 9 -17.30 -22.36 -16.38
CA LYS D 9 -17.92 -22.24 -15.05
C LYS D 9 -17.00 -22.80 -13.96
N ALA D 10 -16.33 -23.93 -14.25
CA ALA D 10 -15.38 -24.48 -13.28
C ALA D 10 -14.25 -23.51 -12.97
N LEU D 11 -13.77 -22.79 -13.98
CA LEU D 11 -12.69 -21.81 -13.78
C LEU D 11 -13.16 -20.56 -13.06
N ARG D 12 -14.41 -20.13 -13.31
CA ARG D 12 -15.01 -19.05 -12.54
C ARG D 12 -15.06 -19.42 -11.06
N GLU D 13 -15.57 -20.62 -10.77
CA GLU D 13 -15.65 -21.11 -9.40
C GLU D 13 -14.28 -21.04 -8.73
N LEU D 14 -13.28 -21.56 -9.44
CA LEU D 14 -11.92 -21.54 -8.91
C LEU D 14 -11.50 -20.11 -8.58
N GLY D 15 -11.87 -19.15 -9.42
CA GLY D 15 -11.60 -17.76 -9.10
C GLY D 15 -12.29 -17.28 -7.83
N GLN D 16 -13.46 -17.85 -7.49
CA GLN D 16 -14.16 -17.41 -6.30
C GLN D 16 -13.59 -18.02 -5.01
N THR D 17 -12.74 -19.06 -5.09
CA THR D 17 -12.29 -19.73 -3.86
C THR D 17 -11.45 -18.85 -2.94
N GLY D 18 -10.62 -18.00 -3.50
CA GLY D 18 -9.58 -17.32 -2.75
C GLY D 18 -8.32 -18.13 -2.53
N TRP D 19 -8.26 -19.40 -2.97
CA TRP D 19 -7.06 -20.20 -2.77
C TRP D 19 -6.51 -20.74 -4.10
N TYR D 20 -6.75 -19.98 -5.16
CA TYR D 20 -6.14 -20.18 -6.46
C TYR D 20 -5.04 -19.13 -6.62
N TRP D 21 -3.80 -19.58 -6.81
CA TRP D 21 -2.65 -18.69 -6.75
C TRP D 21 -2.10 -18.30 -8.12
N GLY D 22 -2.75 -18.68 -9.21
CA GLY D 22 -2.31 -18.24 -10.51
C GLY D 22 -0.93 -18.74 -10.84
N SER D 23 -0.11 -17.86 -11.41
CA SER D 23 1.26 -18.24 -11.71
C SER D 23 2.05 -18.26 -10.42
N MET D 24 2.53 -19.43 -10.04
CA MET D 24 3.27 -19.67 -8.80
C MET D 24 4.10 -20.90 -9.08
N THR D 25 5.37 -20.87 -8.75
CA THR D 25 6.26 -21.96 -9.11
C THR D 25 6.23 -23.06 -8.05
N VAL D 26 6.86 -24.19 -8.39
CA VAL D 26 6.99 -25.30 -7.46
C VAL D 26 7.69 -24.84 -6.18
N ASN D 27 8.75 -24.06 -6.32
CA ASN D 27 9.53 -23.64 -5.15
C ASN D 27 8.84 -22.54 -4.36
N GLU D 28 8.08 -21.67 -5.03
CA GLU D 28 7.25 -20.73 -4.28
C GLU D 28 6.20 -21.46 -3.47
N ALA D 29 5.55 -22.47 -4.06
CA ALA D 29 4.58 -23.27 -3.30
C ALA D 29 5.27 -23.94 -2.13
N LYS D 30 6.44 -24.54 -2.36
CA LYS D 30 7.17 -25.19 -1.28
C LYS D 30 7.45 -24.21 -0.15
N GLU D 31 7.91 -23.00 -0.49
CA GLU D 31 8.23 -22.00 0.52
C GLU D 31 6.98 -21.59 1.28
N LYS D 32 5.82 -21.56 0.61
CA LYS D 32 4.58 -21.19 1.27
C LYS D 32 4.09 -22.29 2.21
N LEU D 33 4.19 -23.54 1.79
CA LEU D 33 3.59 -24.65 2.53
C LEU D 33 4.57 -25.31 3.49
N LYS D 34 5.80 -24.79 3.56
CA LYS D 34 6.89 -25.51 4.22
C LYS D 34 6.62 -25.71 5.70
N GLU D 35 6.12 -24.68 6.39
CA GLU D 35 5.81 -24.77 7.81
C GLU D 35 4.31 -24.92 8.07
N ALA D 36 3.50 -25.21 7.05
CA ALA D 36 2.05 -25.27 7.21
C ALA D 36 1.61 -26.60 7.84
N PRO D 37 0.43 -26.65 8.44
CA PRO D 37 -0.07 -27.92 8.96
C PRO D 37 -0.28 -28.91 7.83
N GLU D 38 -0.08 -30.19 8.12
CA GLU D 38 -0.30 -31.21 7.09
C GLU D 38 -1.73 -31.12 6.57
N GLY D 39 -1.86 -31.17 5.25
CA GLY D 39 -3.15 -31.07 4.64
C GLY D 39 -3.49 -29.70 4.09
N THR D 40 -2.70 -28.68 4.44
CA THR D 40 -2.87 -27.37 3.83
C THR D 40 -2.59 -27.44 2.33
N PHE D 41 -3.45 -26.80 1.54
CA PHE D 41 -3.37 -26.93 0.09
C PHE D 41 -3.69 -25.61 -0.60
N LEU D 42 -3.28 -25.55 -1.87
CA LEU D 42 -3.70 -24.50 -2.77
C LEU D 42 -3.73 -25.08 -4.18
N ILE D 43 -4.34 -24.35 -5.10
CA ILE D 43 -4.28 -24.64 -6.52
C ILE D 43 -3.59 -23.49 -7.21
N ARG D 44 -2.75 -23.81 -8.20
CA ARG D 44 -2.02 -22.83 -8.97
C ARG D 44 -1.93 -23.33 -10.41
N ASP D 45 -1.55 -22.44 -11.32
CA ASP D 45 -1.28 -22.87 -12.69
C ASP D 45 -0.13 -23.86 -12.73
N SER D 46 -0.28 -24.91 -13.54
CA SER D 46 0.82 -25.81 -13.82
C SER D 46 1.77 -25.18 -14.82
N SER D 47 3.06 -25.39 -14.59
CA SER D 47 4.05 -25.03 -15.59
C SER D 47 4.15 -26.05 -16.72
N HIS D 48 3.48 -27.19 -16.61
CA HIS D 48 3.60 -28.27 -17.58
C HIS D 48 2.74 -28.02 -18.82
N SER D 49 3.24 -28.44 -19.98
CA SER D 49 2.56 -28.21 -21.25
C SER D 49 1.19 -28.85 -21.29
N ASP D 50 1.02 -30.01 -20.66
CA ASP D 50 -0.20 -30.79 -20.79
C ASP D 50 -1.22 -30.53 -19.67
N TYR D 51 -0.96 -29.59 -18.77
CA TYR D 51 -1.85 -29.38 -17.62
C TYR D 51 -2.10 -27.91 -17.40
N LEU D 52 -3.36 -27.59 -17.11
CA LEU D 52 -3.67 -26.22 -16.74
C LEU D 52 -3.35 -25.96 -15.27
N LEU D 53 -3.69 -26.90 -14.39
CA LEU D 53 -3.64 -26.65 -12.95
C LEU D 53 -2.90 -27.75 -12.21
N THR D 54 -2.41 -27.36 -11.04
CA THR D 54 -1.70 -28.23 -10.11
C THR D 54 -2.17 -27.89 -8.71
N ILE D 55 -2.33 -28.90 -7.86
CA ILE D 55 -2.61 -28.67 -6.45
C ILE D 55 -1.32 -28.89 -5.67
N SER D 56 -0.92 -27.89 -4.90
CA SER D 56 0.19 -28.06 -3.96
C SER D 56 -0.37 -28.34 -2.57
N VAL D 57 0.22 -29.32 -1.89
CA VAL D 57 -0.28 -29.74 -0.59
C VAL D 57 0.90 -30.08 0.33
N LYS D 58 0.82 -29.63 1.58
CA LYS D 58 1.79 -30.05 2.58
C LYS D 58 1.44 -31.47 3.04
N THR D 59 2.37 -32.39 2.83
CA THR D 59 2.22 -33.77 3.27
C THR D 59 2.99 -33.98 4.57
N SER D 60 2.85 -35.18 5.15
CA SER D 60 3.66 -35.58 6.29
C SER D 60 5.15 -35.61 5.98
N ALA D 61 5.53 -35.51 4.71
CA ALA D 61 6.93 -35.45 4.30
C ALA D 61 7.28 -34.13 3.64
N GLY D 62 6.48 -33.08 3.85
CA GLY D 62 6.77 -31.79 3.28
C GLY D 62 5.90 -31.48 2.07
N PRO D 63 6.15 -30.34 1.44
CA PRO D 63 5.26 -29.90 0.35
C PRO D 63 5.46 -30.73 -0.91
N THR D 64 4.35 -31.12 -1.52
CA THR D 64 4.40 -31.76 -2.82
C THR D 64 3.39 -31.10 -3.75
N ASN D 65 3.42 -31.55 -5.00
CA ASN D 65 2.63 -30.99 -6.08
C ASN D 65 2.00 -32.13 -6.84
N LEU D 66 0.74 -31.95 -7.22
CA LEU D 66 -0.03 -32.98 -7.89
C LEU D 66 -0.79 -32.34 -9.04
N ARG D 67 -0.44 -32.71 -10.27
CA ARG D 67 -1.10 -32.09 -11.43
C ARG D 67 -2.54 -32.56 -11.52
N ILE D 68 -3.42 -31.67 -11.95
CA ILE D 68 -4.83 -31.97 -12.12
C ILE D 68 -5.06 -32.23 -13.61
N GLU D 69 -5.37 -33.48 -13.97
CA GLU D 69 -5.66 -33.77 -15.36
C GLU D 69 -7.09 -33.35 -15.68
N TYR D 70 -7.27 -32.88 -16.91
CA TYR D 70 -8.57 -32.48 -17.42
C TYR D 70 -8.79 -33.20 -18.74
N GLN D 71 -9.66 -34.21 -18.73
CA GLN D 71 -9.89 -35.03 -19.91
C GLN D 71 -11.35 -35.46 -19.92
N ASP D 72 -11.90 -35.63 -21.13
CA ASP D 72 -13.31 -35.98 -21.27
C ASP D 72 -14.20 -35.00 -20.52
N GLY D 73 -13.75 -33.75 -20.41
CA GLY D 73 -14.53 -32.75 -19.69
C GLY D 73 -14.58 -32.90 -18.19
N LYS D 74 -13.67 -33.67 -17.57
CA LYS D 74 -13.65 -33.81 -16.12
C LYS D 74 -12.24 -33.64 -15.58
N PHE D 75 -12.18 -33.07 -14.38
CA PHE D 75 -10.94 -32.93 -13.63
C PHE D 75 -10.75 -34.17 -12.77
N ARG D 76 -9.51 -34.65 -12.69
CA ARG D 76 -9.18 -35.76 -11.84
C ARG D 76 -7.73 -35.60 -11.42
N LEU D 77 -7.42 -36.03 -10.20
CA LEU D 77 -6.04 -35.95 -9.72
C LEU D 77 -5.14 -36.88 -10.52
N ASP D 78 -3.92 -36.42 -10.81
CA ASP D 78 -2.91 -37.25 -11.46
C ASP D 78 -2.73 -38.55 -10.69
N SER D 79 -2.79 -39.66 -11.43
CA SER D 79 -2.89 -40.97 -10.79
C SER D 79 -2.36 -42.02 -11.75
N ILE D 80 -2.13 -43.21 -11.21
CA ILE D 80 -1.76 -44.36 -12.01
C ILE D 80 -3.02 -45.05 -12.55
N LEU D 87 -11.24 -43.61 -10.92
CA LEU D 87 -11.46 -42.89 -9.66
C LEU D 87 -12.28 -41.63 -9.89
N ALA D 88 -12.20 -40.68 -8.94
CA ALA D 88 -13.16 -39.58 -8.83
C ALA D 88 -12.84 -38.45 -9.80
N ALA D 89 -13.81 -38.11 -10.64
CA ALA D 89 -13.66 -37.10 -11.68
C ALA D 89 -14.91 -36.24 -11.71
N PHE D 90 -14.75 -34.94 -11.84
CA PHE D 90 -15.86 -34.01 -11.76
C PHE D 90 -15.69 -32.90 -12.79
N ASP D 91 -16.83 -32.35 -13.23
CA ASP D 91 -16.81 -31.18 -14.10
C ASP D 91 -16.14 -29.99 -13.43
N SER D 92 -16.22 -29.92 -12.11
CA SER D 92 -15.78 -28.77 -11.33
C SER D 92 -14.54 -29.16 -10.57
N VAL D 93 -13.47 -28.36 -10.72
CA VAL D 93 -12.27 -28.72 -9.97
C VAL D 93 -12.45 -28.39 -8.48
N VAL D 94 -13.20 -27.32 -8.17
CA VAL D 94 -13.50 -27.05 -6.76
C VAL D 94 -14.29 -28.20 -6.17
N HIS D 95 -15.26 -28.73 -6.92
CA HIS D 95 -15.95 -29.94 -6.45
C HIS D 95 -14.96 -31.06 -6.19
N LEU D 96 -13.96 -31.23 -7.07
CA LEU D 96 -13.00 -32.31 -6.89
C LEU D 96 -12.26 -32.17 -5.56
N ILE D 97 -11.79 -30.96 -5.26
CA ILE D 97 -11.11 -30.72 -3.99
C ILE D 97 -12.06 -30.90 -2.81
N ASP D 98 -13.26 -30.32 -2.91
CA ASP D 98 -14.24 -30.45 -1.85
C ASP D 98 -14.50 -31.92 -1.53
N TYR D 99 -14.60 -32.72 -2.59
CA TYR D 99 -14.81 -34.15 -2.43
C TYR D 99 -13.69 -34.77 -1.59
N TYR D 100 -12.43 -34.44 -1.90
CA TYR D 100 -11.37 -35.04 -1.09
C TYR D 100 -11.31 -34.48 0.33
N VAL D 101 -11.61 -33.19 0.52
CA VAL D 101 -11.62 -32.61 1.85
C VAL D 101 -12.66 -33.30 2.71
N GLN D 102 -13.86 -33.51 2.16
CA GLN D 102 -14.92 -34.21 2.89
C GLN D 102 -14.51 -35.65 3.18
N MET D 103 -13.84 -36.30 2.24
CA MET D 103 -13.47 -37.70 2.47
C MET D 103 -12.45 -37.80 3.61
N CAS D 104 -11.59 -36.78 3.73
CA CAS D 104 -10.58 -36.74 4.75
CB CAS D 104 -9.46 -35.83 4.24
C CAS D 104 -11.10 -36.24 6.09
O CAS D 104 -10.27 -35.88 6.95
SG CAS D 104 -8.10 -36.78 3.65
AS CAS D 104 -8.74 -37.74 1.73
CE1 CAS D 104 -8.02 -39.59 1.74
CE2 CAS D 104 -7.91 -36.81 0.19
N LYS D 105 -12.42 -36.21 6.28
CA LYS D 105 -13.00 -35.75 7.54
C LYS D 105 -13.71 -36.90 8.25
N THR D 118 3.88 -44.73 0.74
CA THR D 118 4.02 -44.72 2.20
C THR D 118 3.48 -43.39 2.77
N VAL D 119 3.50 -42.33 1.97
CA VAL D 119 2.89 -41.06 2.35
C VAL D 119 1.45 -41.04 1.87
N HIS D 120 0.52 -40.73 2.77
CA HIS D 120 -0.91 -40.76 2.50
C HIS D 120 -1.43 -39.37 2.17
N LEU D 121 -2.34 -39.30 1.20
CA LEU D 121 -2.91 -38.02 0.80
C LEU D 121 -3.82 -37.48 1.89
N TYR D 122 -3.61 -36.22 2.25
CA TYR D 122 -4.37 -35.58 3.33
C TYR D 122 -4.64 -34.14 2.94
N LEU D 123 -5.92 -33.76 2.88
CA LEU D 123 -6.34 -32.42 2.49
C LEU D 123 -7.30 -31.89 3.53
N THR D 124 -6.97 -30.74 4.12
CA THR D 124 -7.84 -30.20 5.15
C THR D 124 -8.25 -28.77 4.85
N LYS D 125 -7.29 -27.86 4.85
CA LYS D 125 -7.62 -26.45 4.82
C LYS D 125 -6.85 -25.73 3.73
N PRO D 126 -7.46 -24.75 3.08
CA PRO D 126 -6.76 -24.08 1.98
C PRO D 126 -5.85 -22.98 2.49
N LEU D 127 -4.81 -22.73 1.73
CA LEU D 127 -3.95 -21.57 1.93
C LEU D 127 -4.48 -20.43 1.05
N TYR D 128 -5.04 -19.41 1.69
CA TYR D 128 -5.68 -18.31 0.97
C TYR D 128 -4.62 -17.39 0.40
N THR D 129 -4.75 -17.05 -0.88
CA THR D 129 -3.92 -15.96 -1.41
C THR D 129 -4.54 -14.59 -1.11
N SER D 130 -5.84 -14.56 -0.82
CA SER D 130 -6.53 -13.34 -0.42
C SER D 130 -7.73 -13.74 0.42
N ALA D 131 -8.22 -12.79 1.20
CA ALA D 131 -9.35 -13.06 2.08
C ALA D 131 -10.66 -12.91 1.31
N PRO D 132 -11.47 -13.95 1.22
CA PRO D 132 -12.78 -13.81 0.55
C PRO D 132 -13.65 -12.76 1.25
N SER D 133 -14.72 -12.38 0.57
CA SER D 133 -15.72 -11.52 1.21
C SER D 133 -16.34 -12.21 2.43
N LEU D 134 -16.84 -11.40 3.38
CA LEU D 134 -17.53 -11.97 4.54
C LEU D 134 -18.75 -12.78 4.11
N GLN D 135 -19.42 -12.34 3.05
CA GLN D 135 -20.54 -13.11 2.50
C GLN D 135 -20.10 -14.50 2.10
N HIS D 136 -19.01 -14.58 1.33
CA HIS D 136 -18.52 -15.88 0.90
C HIS D 136 -18.12 -16.73 2.10
N LEU D 137 -17.47 -16.10 3.09
CA LEU D 137 -17.05 -16.83 4.29
C LEU D 137 -18.24 -17.38 5.05
N CYS D 138 -19.31 -16.57 5.19
CA CYS D 138 -20.52 -17.06 5.85
C CYS D 138 -21.11 -18.23 5.07
N ARG D 139 -21.11 -18.12 3.75
CA ARG D 139 -21.64 -19.19 2.90
C ARG D 139 -20.86 -20.49 3.13
N LEU D 140 -19.53 -20.39 3.17
CA LEU D 140 -18.71 -21.58 3.48
C LEU D 140 -19.10 -22.17 4.83
N THR D 141 -19.27 -21.31 5.84
CA THR D 141 -19.64 -21.82 7.15
C THR D 141 -21.04 -22.45 7.15
N ILE D 142 -21.98 -21.87 6.44
CA ILE D 142 -23.32 -22.45 6.31
C ILE D 142 -23.25 -23.82 5.65
N ASN D 143 -22.47 -23.92 4.56
CA ASN D 143 -22.33 -25.19 3.86
C ASN D 143 -21.72 -26.26 4.75
N LYS D 144 -20.80 -25.89 5.64
CA LYS D 144 -20.25 -26.86 6.58
C LYS D 144 -21.30 -27.29 7.60
N CAS D 145 -22.23 -26.38 7.91
CA CAS D 145 -23.26 -26.64 8.93
CB CAS D 145 -23.78 -25.28 9.44
C CAS D 145 -24.34 -27.53 8.35
O CAS D 145 -24.81 -28.45 9.05
SG CAS D 145 -25.27 -25.27 10.43
AS CAS D 145 -25.90 -23.08 10.29
CE1 CAS D 145 -27.55 -22.93 9.20
CE2 CAS D 145 -24.41 -22.00 9.56
N THR D 146 -24.75 -27.29 7.11
CA THR D 146 -25.85 -28.06 6.52
C THR D 146 -25.80 -28.09 5.01
N GLY D 147 -26.17 -29.22 4.43
CA GLY D 147 -26.37 -29.30 2.99
C GLY D 147 -27.75 -28.86 2.52
N ALA D 148 -28.65 -28.49 3.42
CA ALA D 148 -30.03 -28.18 3.08
C ALA D 148 -30.31 -26.72 3.45
N ILE D 149 -30.17 -25.80 2.49
CA ILE D 149 -30.32 -24.38 2.78
C ILE D 149 -31.73 -23.86 2.48
N TRP D 150 -32.56 -24.62 1.77
CA TRP D 150 -33.83 -24.04 1.32
C TRP D 150 -34.88 -23.94 2.44
N GLY D 151 -34.66 -24.58 3.58
CA GLY D 151 -35.51 -24.42 4.75
C GLY D 151 -34.92 -23.52 5.81
N LEU D 152 -33.81 -22.85 5.52
CA LEU D 152 -33.19 -21.95 6.49
C LEU D 152 -34.01 -20.68 6.65
N PRO D 153 -33.93 -19.98 7.90
CA PRO D 153 -34.63 -18.69 8.07
C PRO D 153 -33.85 -17.54 7.45
N LEU D 154 -33.96 -17.42 6.13
CA LEU D 154 -33.24 -16.45 5.31
C LEU D 154 -34.17 -15.90 4.24
N PRO D 155 -33.95 -14.68 3.77
CA PRO D 155 -34.68 -14.20 2.61
C PRO D 155 -34.35 -15.07 1.40
N THR D 156 -35.33 -15.17 0.49
CA THR D 156 -35.13 -16.10 -0.63
C THR D 156 -33.94 -15.70 -1.50
N ARG D 157 -33.65 -14.39 -1.60
CA ARG D 157 -32.50 -14.00 -2.41
C ARG D 157 -31.18 -14.44 -1.80
N LEU D 158 -31.12 -14.57 -0.47
CA LEU D 158 -29.90 -15.13 0.11
C LEU D 158 -29.84 -16.64 -0.05
N LYS D 159 -30.99 -17.31 -0.09
CA LYS D 159 -30.98 -18.72 -0.47
C LYS D 159 -30.44 -18.89 -1.89
N ASP D 160 -30.88 -18.04 -2.83
CA ASP D 160 -30.30 -18.04 -4.18
C ASP D 160 -28.77 -17.88 -4.11
N TYR D 161 -28.31 -16.92 -3.29
CA TYR D 161 -26.87 -16.71 -3.11
C TYR D 161 -26.18 -17.98 -2.62
N LEU D 162 -26.69 -18.60 -1.56
CA LEU D 162 -26.11 -19.86 -1.08
C LEU D 162 -26.14 -20.94 -2.16
N GLU D 163 -27.24 -21.04 -2.89
CA GLU D 163 -27.35 -22.07 -3.91
C GLU D 163 -26.29 -21.91 -4.98
N GLU D 164 -25.74 -20.70 -5.15
CA GLU D 164 -24.72 -20.48 -6.19
C GLU D 164 -23.37 -21.15 -5.90
N TYR D 165 -23.07 -21.53 -4.67
CA TYR D 165 -21.75 -22.09 -4.37
C TYR D 165 -21.94 -23.03 -3.20
N LYS D 166 -21.95 -24.34 -3.47
CA LYS D 166 -22.37 -25.35 -2.50
C LYS D 166 -21.21 -25.96 -1.70
N PHE D 167 -19.97 -25.65 -2.07
CA PHE D 167 -18.80 -26.35 -1.52
C PHE D 167 -18.48 -25.89 -0.11
N GLN D 168 -17.81 -26.77 0.64
CA GLN D 168 -17.37 -26.43 1.99
C GLN D 168 -15.96 -25.85 2.02
N VAL D 169 -15.24 -25.86 0.91
CA VAL D 169 -13.99 -25.13 0.79
C VAL D 169 -14.11 -24.04 -0.28
N MET E 1 4.72 -7.94 15.52
CA MET E 1 4.70 -7.67 16.95
C MET E 1 3.42 -6.90 17.23
N ASP E 2 2.50 -6.87 16.27
CA ASP E 2 1.22 -6.20 16.47
C ASP E 2 0.25 -7.12 17.20
N VAL E 3 -0.44 -6.56 18.18
CA VAL E 3 -1.53 -7.22 18.88
C VAL E 3 -2.80 -6.42 18.61
N PHE E 4 -3.90 -7.13 18.48
CA PHE E 4 -5.17 -6.55 18.08
C PHE E 4 -6.17 -6.66 19.23
N LEU E 5 -6.81 -5.54 19.55
CA LEU E 5 -7.47 -5.33 20.82
C LEU E 5 -8.88 -4.80 20.61
N MET E 6 -9.75 -5.09 21.58
CA MET E 6 -11.03 -4.42 21.74
C MET E 6 -10.98 -3.83 23.12
N ILE E 7 -11.01 -2.50 23.22
CA ILE E 7 -10.96 -1.85 24.52
C ILE E 7 -12.40 -1.50 24.86
N ARG E 8 -12.90 -2.00 25.97
CA ARG E 8 -14.35 -2.02 26.17
C ARG E 8 -14.72 -1.34 27.48
N ARG E 9 -15.69 -0.42 27.40
CA ARG E 9 -16.24 0.22 28.60
C ARG E 9 -17.72 0.41 28.38
N HIS E 10 -18.56 -0.07 29.30
CA HIS E 10 -20.01 0.16 29.17
C HIS E 10 -20.46 -0.30 27.78
N LYS E 11 -20.96 0.60 26.92
CA LYS E 11 -21.39 0.20 25.57
C LYS E 11 -20.47 0.78 24.49
N THR E 12 -19.22 1.02 24.83
CA THR E 12 -18.18 1.50 23.90
C THR E 12 -17.19 0.37 23.68
N THR E 13 -16.87 0.09 22.42
CA THR E 13 -15.81 -0.84 22.06
C THR E 13 -14.91 -0.16 21.03
N ILE E 14 -13.64 -0.02 21.35
CA ILE E 14 -12.61 0.51 20.44
C ILE E 14 -11.83 -0.67 19.89
N PHE E 15 -11.81 -0.83 18.57
CA PHE E 15 -10.92 -1.78 17.93
C PHE E 15 -9.62 -1.05 17.64
N THR E 16 -8.52 -1.53 18.18
CA THR E 16 -7.27 -0.89 17.80
C THR E 16 -6.17 -1.94 17.86
N ASP E 17 -5.00 -1.58 17.34
CA ASP E 17 -3.86 -2.45 17.49
C ASP E 17 -2.74 -1.66 18.14
N ALA E 18 -1.74 -2.39 18.62
CA ALA E 18 -0.59 -1.77 19.27
C ALA E 18 0.54 -2.76 19.16
N LYS E 19 1.75 -2.29 19.38
CA LYS E 19 2.89 -3.20 19.44
C LYS E 19 2.85 -4.01 20.72
N GLU E 20 3.27 -5.27 20.62
CA GLU E 20 3.41 -6.10 21.81
C GLU E 20 4.41 -5.49 22.80
N SER E 21 5.46 -4.86 22.30
CA SER E 21 6.47 -4.25 23.17
C SER E 21 6.04 -2.90 23.73
N SER E 22 4.88 -2.37 23.31
CA SER E 22 4.39 -1.10 23.83
C SER E 22 3.77 -1.30 25.22
N THR E 23 3.59 -0.19 25.93
CA THR E 23 3.18 -0.25 27.33
C THR E 23 1.69 0.04 27.53
N VAL E 24 1.21 -0.45 28.68
CA VAL E 24 -0.12 -0.12 29.18
C VAL E 24 -0.34 1.38 29.18
N PHE E 25 0.63 2.14 29.70
CA PHE E 25 0.49 3.58 29.72
C PHE E 25 0.31 4.15 28.31
N GLU E 26 1.13 3.68 27.37
CA GLU E 26 0.95 4.13 26.00
C GLU E 26 -0.43 3.76 25.47
N LEU E 27 -0.97 2.61 25.88
CA LEU E 27 -2.31 2.25 25.40
C LEU E 27 -3.34 3.21 25.96
N LYS E 28 -3.16 3.61 27.23
CA LYS E 28 -4.00 4.67 27.79
C LYS E 28 -3.90 5.96 26.98
N ARG E 29 -2.70 6.28 26.43
CA ARG E 29 -2.59 7.48 25.60
C ARG E 29 -3.40 7.36 24.31
N ILE E 30 -3.41 6.16 23.71
CA ILE E 30 -4.33 5.90 22.58
C ILE E 30 -5.79 6.16 23.00
N VAL E 31 -6.17 5.58 24.13
CA VAL E 31 -7.54 5.77 24.61
C VAL E 31 -7.83 7.26 24.81
N GLU E 32 -6.84 7.99 25.33
CA GLU E 32 -7.01 9.41 25.54
C GLU E 32 -7.32 10.12 24.22
N GLY E 33 -6.58 9.77 23.17
CA GLY E 33 -6.87 10.36 21.88
C GLY E 33 -8.32 10.16 21.47
N ILE E 34 -8.86 8.98 21.74
CA ILE E 34 -10.21 8.66 21.24
C ILE E 34 -11.34 9.15 22.16
N LEU E 35 -11.30 8.83 23.45
CA LEU E 35 -12.35 9.13 24.42
C LEU E 35 -12.08 10.38 25.26
N LYS E 36 -10.93 11.04 25.10
CA LYS E 36 -10.67 12.36 25.72
C LYS E 36 -10.68 12.29 27.25
N ARG E 37 -10.09 11.25 27.82
CA ARG E 37 -9.87 11.16 29.27
C ARG E 37 -8.39 10.83 29.45
N PRO E 38 -7.69 11.52 30.34
CA PRO E 38 -6.23 11.36 30.44
C PRO E 38 -5.90 10.02 31.07
N PRO E 39 -4.65 9.54 30.93
CA PRO E 39 -4.31 8.20 31.47
C PRO E 39 -4.51 8.05 32.98
N ASP E 40 -4.27 9.10 33.78
CA ASP E 40 -4.48 8.97 35.23
C ASP E 40 -5.96 8.90 35.61
N GLU E 41 -6.88 9.12 34.66
CA GLU E 41 -8.30 8.88 34.87
C GLU E 41 -8.76 7.52 34.32
N GLN E 42 -7.83 6.65 33.97
CA GLN E 42 -8.11 5.38 33.31
C GLN E 42 -7.50 4.23 34.10
N ARG E 43 -8.22 3.13 34.17
CA ARG E 43 -7.61 1.86 34.51
C ARG E 43 -7.97 0.85 33.44
N LEU E 44 -7.00 0.03 33.08
CA LEU E 44 -7.17 -1.03 32.11
C LEU E 44 -7.02 -2.37 32.80
N TYR E 45 -7.78 -3.35 32.33
CA TYR E 45 -7.79 -4.69 32.90
C TYR E 45 -7.68 -5.73 31.82
N LYS E 46 -7.02 -6.84 32.12
CA LYS E 46 -7.16 -8.05 31.32
C LYS E 46 -7.94 -9.03 32.15
N ASP E 47 -9.15 -9.38 31.70
CA ASP E 47 -10.12 -10.07 32.54
C ASP E 47 -10.31 -9.20 33.78
N ASP E 48 -10.14 -9.72 34.99
CA ASP E 48 -10.32 -8.92 36.18
C ASP E 48 -8.99 -8.39 36.77
N GLN E 49 -7.89 -8.54 36.05
CA GLN E 49 -6.57 -8.11 36.53
C GLN E 49 -6.26 -6.68 36.08
N LEU E 50 -6.06 -5.79 37.05
CA LEU E 50 -5.60 -4.44 36.77
C LEU E 50 -4.22 -4.48 36.12
N LEU E 51 -4.06 -3.74 35.02
CA LEU E 51 -2.82 -3.69 34.26
C LEU E 51 -1.94 -2.55 34.75
N ASP E 52 -0.68 -2.86 35.05
CA ASP E 52 0.29 -1.87 35.51
C ASP E 52 0.78 -1.02 34.36
N ASP E 53 0.79 0.31 34.54
CA ASP E 53 1.20 1.23 33.48
C ASP E 53 2.55 0.86 32.87
N GLY E 54 3.50 0.42 33.68
CA GLY E 54 4.83 0.16 33.17
C GLY E 54 5.01 -1.15 32.44
N LYS E 55 4.05 -2.07 32.49
CA LYS E 55 4.21 -3.36 31.82
C LYS E 55 3.98 -3.20 30.31
N THR E 56 4.70 -4.01 29.53
CA THR E 56 4.36 -4.12 28.11
C THR E 56 3.09 -4.97 27.91
N LEU E 57 2.44 -4.76 26.77
CA LEU E 57 1.24 -5.54 26.44
C LEU E 57 1.55 -7.04 26.43
N GLY E 58 2.69 -7.41 25.84
CA GLY E 58 3.11 -8.79 25.90
C GLY E 58 3.31 -9.29 27.33
N GLU E 59 3.90 -8.45 28.18
CA GLU E 59 4.06 -8.86 29.58
C GLU E 59 2.71 -9.03 30.28
N CYS E 60 1.67 -8.35 29.79
CA CYS E 60 0.32 -8.53 30.34
C CYS E 60 -0.38 -9.76 29.79
N GLY E 61 0.19 -10.43 28.79
CA GLY E 61 -0.45 -11.56 28.13
C GLY E 61 -1.07 -11.28 26.78
N PHE E 62 -0.87 -10.10 26.21
CA PHE E 62 -1.41 -9.77 24.88
C PHE E 62 -0.32 -10.07 23.87
N THR E 63 -0.47 -11.19 23.15
CA THR E 63 0.56 -11.70 22.26
C THR E 63 -0.04 -11.95 20.88
N SER E 64 0.84 -12.20 19.92
CA SER E 64 0.36 -12.48 18.57
C SER E 64 -0.53 -13.72 18.50
N GLN E 65 -0.44 -14.61 19.50
CA GLN E 65 -1.29 -15.80 19.55
C GLN E 65 -2.62 -15.56 20.25
N THR E 66 -2.70 -14.59 21.13
CA THR E 66 -3.90 -14.36 21.91
C THR E 66 -4.65 -13.11 21.48
N ALA E 67 -4.09 -12.31 20.54
CA ALA E 67 -4.66 -11.02 20.24
C ALA E 67 -4.56 -10.80 18.73
N ARG E 68 -5.40 -11.56 17.97
CA ARG E 68 -5.32 -11.63 16.52
C ARG E 68 -6.35 -10.75 15.86
N PRO E 69 -6.08 -10.32 14.62
CA PRO E 69 -7.05 -9.46 13.91
C PRO E 69 -8.45 -10.03 13.86
N GLN E 70 -8.55 -11.32 13.54
CA GLN E 70 -9.84 -11.98 13.43
C GLN E 70 -10.40 -12.39 14.79
N ALA E 71 -9.63 -12.18 15.87
CA ALA E 71 -10.07 -12.57 17.21
C ALA E 71 -9.34 -11.71 18.23
N PRO E 72 -9.67 -10.42 18.29
CA PRO E 72 -8.89 -9.50 19.14
C PRO E 72 -9.11 -9.78 20.62
N ALA E 73 -8.10 -9.45 21.42
CA ALA E 73 -8.20 -9.60 22.86
C ALA E 73 -8.94 -8.40 23.46
N THR E 74 -9.70 -8.66 24.51
CA THR E 74 -10.47 -7.62 25.16
C THR E 74 -9.66 -6.96 26.26
N VAL E 75 -9.70 -5.64 26.31
CA VAL E 75 -9.12 -4.85 27.41
C VAL E 75 -10.28 -4.11 28.06
N GLY E 76 -10.49 -4.33 29.36
CA GLY E 76 -11.54 -3.58 30.07
C GLY E 76 -11.03 -2.20 30.47
N LEU E 77 -11.91 -1.19 30.39
CA LEU E 77 -11.55 0.20 30.67
C LEU E 77 -12.50 0.79 31.71
N ALA E 78 -11.96 1.39 32.76
CA ALA E 78 -12.77 2.05 33.79
C ALA E 78 -12.26 3.47 33.95
N PHE E 79 -13.18 4.42 34.15
CA PHE E 79 -12.85 5.84 34.29
C PHE E 79 -13.00 6.28 35.75
N ARG E 80 -12.26 7.34 36.10
CA ARG E 80 -12.34 7.96 37.41
C ARG E 80 -13.04 9.30 37.23
N ALA E 81 -14.27 9.41 37.73
CA ALA E 81 -14.95 10.72 37.60
C ALA E 81 -14.43 11.76 38.59
N ASP E 82 -14.19 11.36 39.84
CA ASP E 82 -13.74 12.33 40.84
C ASP E 82 -12.61 11.75 41.66
N ASP E 83 -12.96 11.28 42.86
CA ASP E 83 -12.00 10.74 43.81
C ASP E 83 -11.63 9.29 43.51
N THR E 84 -12.57 8.51 42.98
CA THR E 84 -12.38 7.07 42.89
C THR E 84 -12.76 6.59 41.50
N PHE E 85 -12.14 5.51 41.07
CA PHE E 85 -12.54 4.88 39.83
C PHE E 85 -13.90 4.21 39.99
N GLU E 86 -14.72 4.30 38.95
CA GLU E 86 -15.89 3.44 38.87
C GLU E 86 -15.45 1.97 38.87
N ALA E 87 -16.37 1.12 39.31
CA ALA E 87 -16.21 -0.31 39.09
C ALA E 87 -16.23 -0.59 37.59
N LEU E 88 -15.39 -1.52 37.15
CA LEU E 88 -15.35 -1.91 35.74
C LEU E 88 -16.76 -2.35 35.33
N CAS E 89 -17.29 -1.84 34.22
CA CAS E 89 -18.54 -2.41 33.69
CB CAS E 89 -19.77 -1.59 34.09
C CAS E 89 -18.44 -2.55 32.19
O CAS E 89 -18.25 -1.53 31.48
SG CAS E 89 -21.24 -2.23 33.29
AS CAS E 89 -21.61 -4.19 34.35
CE1 CAS E 89 -22.60 -5.25 32.97
CE2 CAS E 89 -22.79 -3.96 35.91
N ILE E 90 -18.53 -3.78 31.68
CA ILE E 90 -18.56 -3.99 30.22
C ILE E 90 -19.92 -4.53 29.85
N GLU E 91 -20.71 -3.82 29.09
CA GLU E 91 -22.03 -4.33 28.75
C GLU E 91 -21.91 -5.49 27.77
N PRO E 92 -22.52 -6.65 28.03
CA PRO E 92 -22.40 -7.76 27.09
C PRO E 92 -23.00 -7.39 25.74
N PHE E 93 -22.39 -7.93 24.69
CA PHE E 93 -23.04 -7.96 23.38
C PHE E 93 -24.35 -8.74 23.46
N SER E 94 -25.22 -8.55 22.48
CA SER E 94 -26.46 -9.29 22.38
C SER E 94 -26.18 -10.78 22.17
N SER E 95 -27.23 -11.60 22.24
CA SER E 95 -27.01 -13.03 22.03
C SER E 95 -27.72 -13.53 20.77
N PRO E 96 -27.12 -14.48 20.06
CA PRO E 96 -27.77 -15.03 18.85
C PRO E 96 -28.97 -15.87 19.22
N PRO E 97 -29.88 -16.14 18.27
CA PRO E 97 -31.02 -17.00 18.58
C PRO E 97 -30.61 -18.45 18.71
N GLU E 98 -31.56 -19.35 18.99
CA GLU E 98 -31.27 -20.78 18.93
C GLU E 98 -30.99 -21.19 17.50
N LEU E 99 -30.20 -22.25 17.36
CA LEU E 99 -29.98 -22.87 16.06
C LEU E 99 -31.30 -23.27 15.41
N PRO E 100 -31.39 -23.22 14.08
CA PRO E 100 -32.50 -23.90 13.40
C PRO E 100 -32.46 -25.39 13.68
N ASP E 101 -33.54 -26.08 13.32
CA ASP E 101 -33.61 -27.54 13.49
C ASP E 101 -32.86 -28.26 12.37
N MET F 1 -11.63 12.31 9.90
CA MET F 1 -11.28 11.65 11.17
C MET F 1 -10.63 10.30 10.95
N MET F 2 -9.72 9.94 11.87
CA MET F 2 -9.07 8.62 11.83
C MET F 2 -10.08 7.48 12.07
N TYR F 3 -10.99 7.68 13.02
CA TYR F 3 -11.94 6.64 13.41
C TYR F 3 -13.36 7.05 13.04
N VAL F 4 -14.24 6.06 12.92
CA VAL F 4 -15.68 6.30 12.88
C VAL F 4 -16.34 5.47 13.96
N LYS F 5 -17.61 5.78 14.19
CA LYS F 5 -18.43 5.09 15.19
C LYS F 5 -19.61 4.43 14.48
N LEU F 6 -19.71 3.12 14.68
CA LEU F 6 -20.76 2.28 14.12
C LEU F 6 -21.62 1.85 15.30
N ILE F 7 -22.91 2.12 15.26
CA ILE F 7 -23.79 1.87 16.40
C ILE F 7 -24.74 0.74 16.05
N SER F 8 -24.81 -0.27 16.92
CA SER F 8 -25.66 -1.43 16.68
C SER F 8 -27.10 -1.10 17.08
N SER F 9 -27.98 -2.05 16.78
CA SER F 9 -29.38 -1.85 17.05
C SER F 9 -29.66 -1.76 18.54
N ASP F 10 -28.89 -2.48 19.36
CA ASP F 10 -29.05 -2.41 20.81
C ASP F 10 -28.14 -1.35 21.46
N GLY F 11 -27.67 -0.37 20.71
CA GLY F 11 -26.97 0.77 21.26
C GLY F 11 -25.49 0.62 21.52
N HIS F 12 -24.86 -0.48 21.12
CA HIS F 12 -23.41 -0.58 21.30
C HIS F 12 -22.71 0.30 20.28
N GLU F 13 -21.70 1.05 20.74
CA GLU F 13 -20.91 1.92 19.88
C GLU F 13 -19.56 1.27 19.62
N PHE F 14 -19.26 1.01 18.35
CA PHE F 14 -18.00 0.42 17.95
C PHE F 14 -17.18 1.52 17.26
N ILE F 15 -16.04 1.85 17.84
CA ILE F 15 -15.15 2.82 17.24
C ILE F 15 -14.06 2.07 16.48
N VAL F 16 -13.99 2.28 15.18
CA VAL F 16 -13.07 1.51 14.35
C VAL F 16 -12.43 2.47 13.37
N LYS F 17 -11.22 2.14 12.91
CA LYS F 17 -10.59 2.99 11.92
C LYS F 17 -11.49 3.15 10.69
N ARG F 18 -11.60 4.39 10.24
CA ARG F 18 -12.38 4.72 9.04
C ARG F 18 -12.00 3.83 7.87
N GLU F 19 -10.69 3.68 7.64
CA GLU F 19 -10.19 2.89 6.53
C GLU F 19 -10.69 1.46 6.62
N HIS F 20 -10.75 0.92 7.83
CA HIS F 20 -11.29 -0.41 8.02
C HIS F 20 -12.78 -0.46 7.70
N ALA F 21 -13.55 0.51 8.22
CA ALA F 21 -14.99 0.51 8.00
C ALA F 21 -15.34 0.65 6.53
N LEU F 22 -14.47 1.31 5.74
CA LEU F 22 -14.70 1.46 4.31
C LEU F 22 -14.58 0.14 3.56
N THR F 23 -14.18 -0.94 4.24
CA THR F 23 -14.35 -2.26 3.66
C THR F 23 -15.78 -2.48 3.17
N SER F 24 -16.76 -1.95 3.91
CA SER F 24 -18.17 -2.04 3.54
C SER F 24 -18.55 -0.96 2.54
N GLY F 25 -19.04 -1.36 1.36
CA GLY F 25 -19.49 -0.37 0.39
C GLY F 25 -20.68 0.41 0.91
N THR F 26 -21.54 -0.25 1.67
CA THR F 26 -22.70 0.41 2.27
C THR F 26 -22.27 1.51 3.24
N ILE F 27 -21.30 1.21 4.12
CA ILE F 27 -20.77 2.23 5.04
C ILE F 27 -20.24 3.42 4.27
N LYS F 28 -19.42 3.17 3.24
CA LYS F 28 -18.99 4.29 2.40
C LYS F 28 -20.18 5.14 1.94
N ALA F 29 -21.24 4.50 1.42
CA ALA F 29 -22.36 5.28 0.90
C ALA F 29 -23.06 6.07 2.01
N MET F 30 -23.16 5.49 3.21
CA MET F 30 -23.81 6.21 4.30
C MET F 30 -22.96 7.37 4.78
N LEU F 31 -21.64 7.21 4.81
CA LEU F 31 -20.77 8.26 5.34
C LEU F 31 -20.52 9.37 4.34
N SER F 32 -20.50 9.03 3.05
CA SER F 32 -20.01 9.91 1.99
C SER F 32 -20.97 10.09 0.83
N GLY F 33 -21.97 9.23 0.66
CA GLY F 33 -22.90 9.36 -0.43
C GLY F 33 -22.30 8.87 -1.72
N PRO F 34 -22.95 9.20 -2.84
CA PRO F 34 -22.54 8.63 -4.12
C PRO F 34 -21.24 9.24 -4.63
N GLY F 35 -20.57 8.45 -5.47
CA GLY F 35 -19.44 8.93 -6.21
C GLY F 35 -18.17 8.95 -5.40
N GLN F 36 -17.20 9.66 -5.97
CA GLN F 36 -15.83 9.63 -5.50
C GLN F 36 -15.45 10.91 -4.76
N PHE F 37 -16.34 11.90 -4.71
CA PHE F 37 -16.05 13.12 -3.98
C PHE F 37 -17.35 13.71 -3.45
N ALA F 38 -17.28 14.29 -2.25
CA ALA F 38 -18.41 15.01 -1.66
C ALA F 38 -17.85 16.13 -0.80
N GLU F 39 -18.62 17.20 -0.65
CA GLU F 39 -18.15 18.36 0.11
C GLU F 39 -18.14 18.07 1.60
N ASN F 40 -19.00 17.15 2.06
CA ASN F 40 -19.15 16.88 3.48
C ASN F 40 -19.23 15.38 3.70
N GLU F 41 -18.78 14.95 4.87
CA GLU F 41 -18.88 13.56 5.27
C GLU F 41 -19.27 13.48 6.73
N THR F 42 -19.74 12.32 7.15
CA THR F 42 -20.03 12.08 8.55
C THR F 42 -19.14 10.96 9.05
N ASN F 43 -19.05 10.81 10.36
CA ASN F 43 -18.19 9.79 10.94
C ASN F 43 -18.92 8.90 11.93
N GLU F 44 -20.21 8.71 11.70
CA GLU F 44 -21.04 7.91 12.59
C GLU F 44 -22.17 7.31 11.76
N VAL F 45 -22.45 6.02 11.97
CA VAL F 45 -23.55 5.33 11.30
C VAL F 45 -24.32 4.54 12.35
N ASN F 46 -25.65 4.59 12.26
CA ASN F 46 -26.57 3.81 13.09
C ASN F 46 -27.15 2.65 12.29
N PHE F 47 -27.01 1.43 12.79
CA PHE F 47 -27.55 0.24 12.14
C PHE F 47 -28.74 -0.24 12.97
N ARG F 48 -29.93 0.22 12.60
CA ARG F 48 -31.13 -0.09 13.37
C ARG F 48 -31.48 -1.57 13.34
N GLU F 49 -30.94 -2.35 12.39
CA GLU F 49 -31.26 -3.77 12.31
C GLU F 49 -30.05 -4.69 12.41
N ILE F 50 -28.90 -4.20 12.86
CA ILE F 50 -27.77 -5.11 13.09
C ILE F 50 -27.44 -5.10 14.58
N PRO F 51 -27.62 -6.22 15.29
CA PRO F 51 -27.33 -6.26 16.73
C PRO F 51 -25.84 -6.41 17.04
N SER F 52 -25.50 -6.16 18.30
CA SER F 52 -24.08 -5.99 18.65
C SER F 52 -23.27 -7.27 18.47
N HIS F 53 -23.85 -8.46 18.70
CA HIS F 53 -23.04 -9.66 18.50
C HIS F 53 -22.69 -9.86 17.04
N VAL F 54 -23.46 -9.29 16.12
CA VAL F 54 -23.14 -9.37 14.70
C VAL F 54 -22.20 -8.24 14.29
N LEU F 55 -22.46 -7.02 14.75
CA LEU F 55 -21.65 -5.91 14.29
C LEU F 55 -20.23 -6.03 14.86
N SER F 56 -20.07 -6.52 16.11
CA SER F 56 -18.71 -6.73 16.61
C SER F 56 -17.93 -7.67 15.67
N LYS F 57 -18.59 -8.75 15.21
CA LYS F 57 -17.95 -9.72 14.31
C LYS F 57 -17.62 -9.07 12.98
N VAL F 58 -18.52 -8.24 12.49
CA VAL F 58 -18.29 -7.51 11.25
C VAL F 58 -17.03 -6.63 11.38
N CYS F 59 -16.91 -5.87 12.47
CA CYS F 59 -15.69 -5.07 12.70
C CYS F 59 -14.43 -5.94 12.78
N MET F 60 -14.50 -7.11 13.41
CA MET F 60 -13.33 -8.00 13.33
C MET F 60 -13.03 -8.40 11.89
N TYR F 61 -14.08 -8.64 11.10
CA TYR F 61 -13.85 -8.89 9.68
C TYR F 61 -13.11 -7.74 9.04
N PHE F 62 -13.54 -6.49 9.33
CA PHE F 62 -12.84 -5.32 8.77
C PHE F 62 -11.35 -5.38 9.09
N THR F 63 -11.01 -5.61 10.36
CA THR F 63 -9.60 -5.62 10.79
C THR F 63 -8.82 -6.69 10.04
N TYR F 64 -9.43 -7.86 9.92
CA TYR F 64 -8.86 -9.01 9.22
C TYR F 64 -8.64 -8.72 7.74
N LYS F 65 -9.68 -8.22 7.07
CA LYS F 65 -9.57 -7.89 5.65
C LYS F 65 -8.44 -6.89 5.42
N VAL F 66 -8.38 -5.83 6.22
CA VAL F 66 -7.33 -4.82 6.02
C VAL F 66 -5.97 -5.43 6.32
N ARG F 67 -5.84 -6.22 7.39
CA ARG F 67 -4.52 -6.74 7.77
C ARG F 67 -3.99 -7.70 6.72
N TYR F 68 -4.86 -8.52 6.13
CA TYR F 68 -4.39 -9.57 5.23
C TYR F 68 -4.63 -9.24 3.76
N THR F 69 -4.82 -7.96 3.43
CA THR F 69 -4.88 -7.51 2.06
C THR F 69 -3.53 -6.93 1.67
N ASN F 70 -3.05 -7.30 0.47
CA ASN F 70 -1.76 -6.85 -0.02
C ASN F 70 -0.67 -7.14 1.00
N SER F 71 -0.65 -8.38 1.50
CA SER F 71 0.31 -8.74 2.53
C SER F 71 0.90 -10.11 2.22
N SER F 72 2.14 -10.29 2.68
CA SER F 72 2.88 -11.55 2.53
C SER F 72 2.56 -12.53 3.65
N THR F 73 1.84 -12.10 4.68
CA THR F 73 1.54 -12.94 5.82
C THR F 73 0.50 -14.00 5.45
N GLU F 74 0.76 -15.24 5.86
CA GLU F 74 -0.22 -16.31 5.73
C GLU F 74 -1.55 -15.86 6.36
N ILE F 75 -2.65 -16.24 5.71
CA ILE F 75 -3.98 -15.76 6.07
C ILE F 75 -4.64 -16.80 6.96
N PRO F 76 -4.91 -16.52 8.22
CA PRO F 76 -5.56 -17.52 9.07
C PRO F 76 -7.06 -17.55 8.80
N GLU F 77 -7.70 -18.58 9.33
CA GLU F 77 -9.14 -18.72 9.21
C GLU F 77 -9.85 -17.58 9.95
N PHE F 78 -10.92 -17.08 9.36
CA PHE F 78 -11.80 -16.15 10.06
C PHE F 78 -12.87 -16.95 10.80
N PRO F 79 -12.88 -16.97 12.13
CA PRO F 79 -13.83 -17.84 12.84
C PRO F 79 -15.25 -17.32 12.77
N ILE F 80 -16.18 -18.20 12.38
CA ILE F 80 -17.60 -17.88 12.32
C ILE F 80 -18.35 -19.02 12.99
N ALA F 81 -18.91 -18.78 14.18
CA ALA F 81 -19.64 -19.85 14.85
C ALA F 81 -20.94 -20.13 14.08
N PRO F 82 -21.31 -21.39 13.91
CA PRO F 82 -22.59 -21.68 13.23
C PRO F 82 -23.76 -20.87 13.79
N GLU F 83 -23.74 -20.52 15.07
CA GLU F 83 -24.84 -19.82 15.71
C GLU F 83 -25.03 -18.38 15.23
N ILE F 84 -24.00 -17.73 14.69
CA ILE F 84 -24.19 -16.39 14.15
C ILE F 84 -24.17 -16.36 12.63
N ALA F 85 -23.92 -17.50 11.97
CA ALA F 85 -23.64 -17.45 10.54
C ALA F 85 -24.79 -16.86 9.72
N LEU F 86 -26.05 -17.16 10.06
CA LEU F 86 -27.13 -16.65 9.20
C LEU F 86 -27.29 -15.12 9.35
N GLU F 87 -27.31 -14.63 10.58
CA GLU F 87 -27.36 -13.19 10.79
C GLU F 87 -26.15 -12.49 10.21
N LEU F 88 -24.98 -13.13 10.33
CA LEU F 88 -23.77 -12.50 9.79
C LEU F 88 -23.83 -12.43 8.27
N LEU F 89 -24.41 -13.46 7.63
CA LEU F 89 -24.60 -13.41 6.18
C LEU F 89 -25.53 -12.27 5.79
N MET F 90 -26.64 -12.12 6.51
CA MET F 90 -27.55 -11.03 6.20
C MET F 90 -26.88 -9.66 6.40
N ALA F 91 -26.11 -9.50 7.47
CA ALA F 91 -25.39 -8.23 7.68
C ALA F 91 -24.33 -8.00 6.62
N ALA F 92 -23.55 -9.03 6.27
CA ALA F 92 -22.52 -8.89 5.27
C ALA F 92 -23.13 -8.55 3.91
N ASN F 93 -24.24 -9.18 3.56
CA ASN F 93 -24.91 -8.82 2.33
C ASN F 93 -25.42 -7.37 2.38
N PHE F 94 -26.05 -6.97 3.49
CA PHE F 94 -26.52 -5.60 3.61
C PHE F 94 -25.36 -4.62 3.53
N LEU F 95 -24.23 -4.94 4.15
CA LEU F 95 -23.07 -4.06 4.18
C LEU F 95 -22.22 -4.18 2.93
N ASP F 96 -22.52 -5.15 2.06
CA ASP F 96 -21.72 -5.37 0.87
C ASP F 96 -20.24 -5.52 1.23
N CYS F 97 -19.96 -6.53 2.06
CA CYS F 97 -18.58 -6.84 2.40
C CYS F 97 -18.31 -8.35 2.49
N PRO G 1 12.20 -36.44 2.38
CA PRO G 1 11.20 -35.49 1.90
C PRO G 1 10.56 -35.92 0.57
N VAL G 2 9.24 -35.77 0.49
CA VAL G 2 8.42 -36.10 -0.68
C VAL G 2 9.03 -35.50 -1.94
N PRO G 3 8.97 -36.18 -3.09
CA PRO G 3 9.36 -35.53 -4.34
C PRO G 3 8.41 -34.39 -4.67
N ASP G 4 8.91 -33.47 -5.50
CA ASP G 4 8.16 -32.28 -5.89
C ASP G 4 6.82 -32.65 -6.51
N PTR G 5 6.82 -33.61 -7.43
CA PTR G 5 5.59 -34.03 -8.07
C PTR G 5 5.27 -35.49 -7.79
O PTR G 5 6.14 -36.34 -7.83
CB PTR G 5 5.65 -33.77 -9.59
CG PTR G 5 5.35 -32.33 -9.93
CD1 PTR G 5 4.03 -31.90 -10.08
CD2 PTR G 5 6.37 -31.40 -10.07
CE1 PTR G 5 3.75 -30.59 -10.39
CE2 PTR G 5 6.09 -30.08 -10.37
CZ PTR G 5 4.78 -29.68 -10.53
OH PTR G 5 4.52 -28.44 -10.79
P PTR G 5 4.16 -27.94 -12.25
O1P PTR G 5 2.85 -28.59 -12.70
O2P PTR G 5 5.28 -28.41 -13.18
O3P PTR G 5 4.05 -26.46 -12.22
N THR G 6 4.01 -35.76 -7.50
CA THR G 6 3.56 -37.10 -7.19
C THR G 6 2.27 -37.46 -7.95
N SER G 7 1.89 -38.74 -7.91
CA SER G 7 0.58 -39.19 -8.39
C SER G 7 -0.08 -39.99 -7.29
N ILE G 8 -1.42 -40.02 -7.29
CA ILE G 8 -2.14 -40.75 -6.26
C ILE G 8 -2.27 -42.20 -6.68
N HIS G 9 -2.28 -43.08 -5.68
CA HIS G 9 -2.42 -44.51 -5.89
C HIS G 9 -3.27 -45.08 -4.76
N ILE G 10 -4.31 -45.82 -5.13
CA ILE G 10 -5.24 -46.35 -4.13
C ILE G 10 -4.84 -47.77 -3.75
N VAL H 2 33.73 22.70 -10.07
CA VAL H 2 34.98 23.21 -9.51
C VAL H 2 36.20 22.31 -9.81
N PRO H 3 36.15 21.01 -9.46
CA PRO H 3 37.37 20.19 -9.58
C PRO H 3 37.83 20.09 -11.03
N ASP H 4 39.12 20.30 -11.25
CA ASP H 4 39.71 20.12 -12.58
C ASP H 4 39.48 18.69 -13.04
N PTR H 5 38.95 18.52 -14.25
CA PTR H 5 38.72 17.18 -14.76
C PTR H 5 40.01 16.41 -14.93
O PTR H 5 40.96 16.93 -15.50
CB PTR H 5 38.01 17.20 -16.12
CG PTR H 5 37.85 15.81 -16.70
CD1 PTR H 5 38.84 15.23 -17.52
CD2 PTR H 5 36.71 15.07 -16.46
CE1 PTR H 5 38.69 13.98 -18.06
CE2 PTR H 5 36.55 13.81 -16.99
CZ PTR H 5 37.53 13.27 -17.80
OH PTR H 5 37.34 12.07 -18.27
P PTR H 5 37.41 11.69 -19.84
O1P PTR H 5 36.60 10.39 -20.05
O2P PTR H 5 38.88 11.45 -20.18
O3P PTR H 5 36.89 12.79 -20.70
N THR H 6 40.04 15.17 -14.46
CA THR H 6 41.15 14.24 -14.74
C THR H 6 40.57 12.91 -15.21
N SER H 7 41.08 12.37 -16.32
CA SER H 7 40.66 11.05 -16.75
C SER H 7 40.95 10.01 -15.68
N ILE H 8 39.97 9.15 -15.43
CA ILE H 8 40.08 8.10 -14.42
C ILE H 8 39.80 6.77 -15.09
N HIS H 9 40.82 5.94 -15.23
CA HIS H 9 40.64 4.58 -15.71
C HIS H 9 40.05 3.72 -14.60
N ILE H 10 39.17 2.79 -14.96
CA ILE H 10 38.75 1.77 -14.01
C ILE H 10 39.01 0.39 -14.56
N VLM H 11 39.88 -0.27 -13.69
CA VLM H 11 40.45 -1.51 -14.22
C VLM H 11 40.02 -2.66 -13.32
O VLM H 11 39.80 -2.46 -12.12
CB VLM H 11 42.02 -1.36 -14.23
CG1 VLM H 11 42.57 -1.39 -12.81
CG2 VLM H 11 42.44 -0.06 -14.91
NT VLM H 11 39.91 -3.86 -13.89
N PRO I 1 33.04 -6.74 -21.79
CA PRO I 1 32.40 -6.01 -20.68
C PRO I 1 33.33 -5.79 -19.50
N VAL I 2 33.10 -4.68 -18.80
CA VAL I 2 33.85 -4.28 -17.62
C VAL I 2 33.73 -5.40 -16.59
N PRO I 3 34.75 -5.67 -15.78
CA PRO I 3 34.57 -6.61 -14.66
C PRO I 3 33.51 -6.12 -13.69
N ASP I 4 32.92 -7.06 -12.94
CA ASP I 4 31.93 -6.75 -11.90
C ASP I 4 32.51 -5.77 -10.87
N PTR I 5 33.71 -6.07 -10.40
CA PTR I 5 34.39 -5.13 -9.49
C PTR I 5 35.60 -4.51 -10.19
O PTR I 5 36.35 -5.19 -10.89
CB PTR I 5 34.79 -5.82 -8.17
CG PTR I 5 33.63 -5.82 -7.20
CD1 PTR I 5 32.68 -6.84 -7.24
CD2 PTR I 5 33.46 -4.76 -6.32
CE1 PTR I 5 31.59 -6.82 -6.39
CE2 PTR I 5 32.36 -4.72 -5.47
CZ PTR I 5 31.44 -5.75 -5.50
OH PTR I 5 30.40 -5.73 -4.71
P PTR I 5 30.56 -5.89 -3.12
O1P PTR I 5 29.15 -6.07 -2.57
O2P PTR I 5 31.26 -4.73 -2.53
O3P PTR I 5 31.42 -7.14 -2.88
N THR I 6 35.78 -3.22 -9.99
CA THR I 6 36.92 -2.49 -10.55
CA THR I 6 36.93 -2.51 -10.53
C THR I 6 37.48 -1.54 -9.49
N SER I 7 38.65 -0.96 -9.77
CA SER I 7 39.21 0.09 -8.94
C SER I 7 39.82 1.15 -9.85
N ILE I 8 40.02 2.36 -9.32
CA ILE I 8 40.38 3.48 -10.17
C ILE I 8 41.90 3.60 -10.32
N HIS I 9 42.27 4.34 -11.37
CA HIS I 9 43.66 4.58 -11.76
C HIS I 9 43.63 5.95 -12.45
N ILE I 10 44.03 6.99 -11.72
CA ILE I 10 44.06 8.34 -12.28
C ILE I 10 45.24 8.48 -13.22
N VLM I 11 44.82 8.61 -14.55
CA VLM I 11 45.77 8.86 -15.63
C VLM I 11 45.56 10.27 -16.18
O VLM I 11 44.58 10.94 -15.81
CB VLM I 11 45.61 7.80 -16.75
CG1 VLM I 11 45.82 6.37 -16.21
CG2 VLM I 11 44.24 7.93 -17.40
NT VLM I 11 46.43 10.70 -17.07
N PRO J 3 -18.31 -38.94 1.21
CA PRO J 3 -17.36 -39.82 0.51
C PRO J 3 -16.61 -40.73 1.48
N ASP J 4 -16.83 -42.05 1.39
CA ASP J 4 -16.22 -42.98 2.32
C ASP J 4 -14.70 -42.93 2.24
N PTR J 5 -14.03 -42.78 3.38
CA PTR J 5 -12.57 -42.66 3.44
C PTR J 5 -11.88 -43.91 2.93
O PTR J 5 -12.24 -45.04 3.26
CB PTR J 5 -12.04 -42.36 4.86
CG PTR J 5 -10.53 -42.27 4.93
CD1 PTR J 5 -9.75 -43.40 5.20
CD2 PTR J 5 -9.87 -41.07 4.72
CE1 PTR J 5 -8.37 -43.32 5.26
CE2 PTR J 5 -8.49 -40.98 4.78
CZ PTR J 5 -7.74 -42.11 5.05
OH PTR J 5 -6.44 -42.00 5.07
P PTR J 5 -5.49 -42.73 6.13
O1P PTR J 5 -5.19 -44.10 5.62
O2P PTR J 5 -4.19 -41.91 6.27
O3P PTR J 5 -6.21 -42.82 7.49
N THR J 6 -10.86 -43.70 2.11
CA THR J 6 -10.01 -44.79 1.63
C THR J 6 -8.55 -44.36 1.70
N SER J 7 -7.65 -45.34 1.75
CA SER J 7 -6.23 -45.05 1.72
C SER J 7 -5.85 -44.54 0.33
N ILE J 8 -5.23 -43.36 0.29
CA ILE J 8 -4.70 -42.78 -0.94
C ILE J 8 -3.22 -42.57 -0.70
N HIS J 9 -2.40 -43.38 -1.33
CA HIS J 9 -0.95 -43.26 -1.24
C HIS J 9 -0.45 -42.23 -2.26
N ILE J 10 0.61 -41.54 -1.90
CA ILE J 10 1.22 -40.53 -2.76
C ILE J 10 2.66 -40.90 -3.14
N VLM J 11 2.92 -41.17 -4.48
CA VLM J 11 4.22 -41.65 -4.93
C VLM J 11 4.79 -40.76 -6.04
O VLM J 11 4.09 -40.46 -7.01
CB VLM J 11 4.08 -43.13 -5.40
CG1 VLM J 11 2.78 -43.33 -6.18
CG2 VLM J 11 4.11 -44.03 -4.18
NT VLM J 11 6.04 -40.34 -5.89
CO CO K . 41.99 6.31 -21.40
CO CO L . -2.91 -47.08 3.10
S SO4 M . -19.16 -12.59 -3.03
O1 SO4 M . -19.87 -12.22 -4.25
O2 SO4 M . -19.65 -13.92 -2.65
O3 SO4 M . -19.40 -11.58 -1.99
O4 SO4 M . -17.71 -12.67 -3.26
#